data_7QUO
#
_entry.id   7QUO
#
_cell.length_a   153.110
_cell.length_b   153.110
_cell.length_c   230.410
_cell.angle_alpha   90.000
_cell.angle_beta   90.000
_cell.angle_gamma   120.000
#
_symmetry.space_group_name_H-M   'P 61 2 2'
#
loop_
_entity.id
_entity.type
_entity.pdbx_description
1 polymer FimH
2 branched alpha-D-mannopyranose-(1-2)-alpha-D-mannopyranose-(1-3)-[alpha-D-mannopyranose-(1-3)-[alpha-D-mannopyranose-(1-6)]alpha-D-mannopyranose-(1-6)]beta-D-mannopyranose-(1-4)-2-acetamido-2-deoxy-beta-D-glucopyranose-(1-4)-2-acetamido-2-deoxy-beta-D-glucopyranose
3 non-polymer 'NICKEL (II) ION'
4 non-polymer 'SULFATE ION'
5 water water
#
_entity_poly.entity_id   1
_entity_poly.type   'polypeptide(L)'
_entity_poly.pdbx_seq_one_letter_code
;FACKTANGTAIPIGGGSANVYVNLAPVVNVGQNLVVDLSTQIFCHNDYPETITDYVTLQRGSAYGGVLSNFSGTVKYSGS
SYPFPTTSETPRVVYNSRTDKPWPVALYLTPVSSAGGVAIKAGSLIAVLILRQTNNYNSDDFQFVWNIYANNDVVVPT
;
_entity_poly.pdbx_strand_id   A,B,C,D
#
loop_
_chem_comp.id
_chem_comp.type
_chem_comp.name
_chem_comp.formula
BMA D-saccharide, beta linking beta-D-mannopyranose 'C6 H12 O6'
MAN D-saccharide, alpha linking alpha-D-mannopyranose 'C6 H12 O6'
NAG D-saccharide, beta linking 2-acetamido-2-deoxy-beta-D-glucopyranose 'C8 H15 N O6'
NI non-polymer 'NICKEL (II) ION' 'Ni 2'
SO4 non-polymer 'SULFATE ION' 'O4 S -2'
#
# COMPACT_ATOMS: atom_id res chain seq x y z
N PHE A 1 -18.23 18.54 -17.31
CA PHE A 1 -16.83 18.64 -16.82
C PHE A 1 -16.75 18.01 -15.44
N ALA A 2 -15.89 17.02 -15.25
CA ALA A 2 -15.73 16.47 -13.92
C ALA A 2 -14.28 16.14 -13.65
N CYS A 3 -13.99 15.85 -12.39
CA CYS A 3 -12.63 15.58 -11.94
C CYS A 3 -12.62 14.35 -11.03
N LYS A 4 -11.57 13.55 -11.18
CA LYS A 4 -11.34 12.34 -10.42
C LYS A 4 -9.94 12.38 -9.84
N THR A 5 -9.72 11.62 -8.76
CA THR A 5 -8.39 11.46 -8.20
C THR A 5 -7.83 10.09 -8.61
N ALA A 6 -6.57 9.85 -8.25
CA ALA A 6 -5.92 8.61 -8.64
C ALA A 6 -6.59 7.41 -7.97
N ASN A 7 -6.80 7.47 -6.65
CA ASN A 7 -7.35 6.32 -5.94
C ASN A 7 -8.86 6.19 -6.13
N GLY A 8 -9.48 6.96 -7.04
CA GLY A 8 -10.87 6.78 -7.43
C GLY A 8 -11.81 7.91 -7.03
N THR A 9 -11.53 8.59 -5.91
CA THR A 9 -12.40 9.66 -5.46
C THR A 9 -12.71 10.62 -6.61
N ALA A 10 -13.96 11.08 -6.69
CA ALA A 10 -14.43 11.89 -7.81
C ALA A 10 -15.22 13.09 -7.33
N ILE A 11 -15.21 14.14 -8.14
CA ILE A 11 -16.05 15.32 -7.95
C ILE A 11 -16.92 15.47 -9.20
N PRO A 12 -18.24 15.52 -9.06
CA PRO A 12 -19.12 15.41 -10.24
C PRO A 12 -19.32 16.74 -10.94
N ILE A 13 -20.10 16.68 -12.03
CA ILE A 13 -20.53 17.91 -12.70
C ILE A 13 -21.13 18.83 -11.65
N GLY A 14 -20.85 20.13 -11.77
CA GLY A 14 -21.34 21.12 -10.84
C GLY A 14 -20.39 21.50 -9.73
N GLY A 15 -19.38 20.68 -9.46
CA GLY A 15 -18.37 20.98 -8.46
C GLY A 15 -18.54 20.13 -7.21
N GLY A 16 -17.78 20.49 -6.20
CA GLY A 16 -17.76 19.73 -4.96
C GLY A 16 -16.38 19.77 -4.34
N SER A 17 -16.10 18.79 -3.48
CA SER A 17 -14.80 18.70 -2.82
C SER A 17 -14.37 17.26 -2.66
N ALA A 18 -13.05 17.08 -2.47
CA ALA A 18 -12.46 15.77 -2.23
C ALA A 18 -11.17 15.93 -1.46
N ASN A 19 -10.70 14.82 -0.88
CA ASN A 19 -9.45 14.76 -0.13
C ASN A 19 -8.40 13.99 -0.92
N VAL A 20 -7.22 14.60 -1.10
CA VAL A 20 -6.09 13.98 -1.76
C VAL A 20 -5.00 13.81 -0.71
N TYR A 21 -4.52 12.57 -0.55
CA TYR A 21 -3.47 12.25 0.41
C TYR A 21 -2.17 12.04 -0.36
N VAL A 22 -1.14 12.83 -0.03
CA VAL A 22 0.09 12.87 -0.80
C VAL A 22 1.27 12.41 0.04
N ASN A 23 2.18 11.66 -0.57
CA ASN A 23 3.44 11.28 0.08
C ASN A 23 4.46 12.41 0.01
N LEU A 24 5.21 12.58 1.09
CA LEU A 24 6.19 13.64 1.22
C LEU A 24 7.54 13.05 1.61
N ALA A 25 8.60 13.79 1.29
CA ALA A 25 9.96 13.40 1.68
C ALA A 25 10.06 13.32 3.20
N PRO A 26 10.47 12.17 3.77
CA PRO A 26 10.52 12.07 5.23
C PRO A 26 11.46 13.09 5.86
N VAL A 27 12.46 13.57 5.12
CA VAL A 27 13.47 14.48 5.65
C VAL A 27 13.79 15.49 4.55
N VAL A 28 13.80 16.77 4.91
CA VAL A 28 14.05 17.85 3.97
C VAL A 28 14.79 18.95 4.70
N ASN A 29 15.95 19.34 4.18
CA ASN A 29 16.78 20.34 4.82
C ASN A 29 16.32 21.74 4.45
N VAL A 30 16.64 22.70 5.32
CA VAL A 30 16.43 24.10 4.97
C VAL A 30 17.14 24.37 3.66
N GLY A 31 16.41 24.95 2.71
CA GLY A 31 16.95 25.25 1.40
C GLY A 31 16.65 24.20 0.34
N GLN A 32 16.31 22.98 0.74
CA GLN A 32 15.89 21.99 -0.24
C GLN A 32 14.41 22.20 -0.56
N ASN A 33 13.94 21.52 -1.60
CA ASN A 33 12.56 21.62 -2.02
C ASN A 33 11.82 20.32 -1.75
N LEU A 34 10.59 20.47 -1.27
CA LEU A 34 9.60 19.42 -1.12
C LEU A 34 8.60 19.61 -2.24
N VAL A 35 8.37 18.57 -3.04
CA VAL A 35 7.57 18.69 -4.25
C VAL A 35 6.29 17.88 -4.11
N VAL A 36 5.15 18.51 -4.38
CA VAL A 36 3.85 17.87 -4.41
C VAL A 36 3.32 18.02 -5.84
N ASP A 37 3.48 16.98 -6.66
CA ASP A 37 3.08 17.02 -8.06
C ASP A 37 1.67 16.45 -8.17
N LEU A 38 0.67 17.34 -8.17
CA LEU A 38 -0.71 16.93 -8.33
C LEU A 38 -1.05 16.45 -9.74
N SER A 39 -0.17 16.63 -10.71
CA SER A 39 -0.46 16.13 -12.05
C SER A 39 -0.57 14.61 -12.09
N THR A 40 -0.12 13.92 -11.04
CA THR A 40 -0.24 12.47 -10.95
C THR A 40 -1.33 12.05 -9.96
N GLN A 41 -2.21 12.96 -9.59
CA GLN A 41 -3.27 12.69 -8.61
C GLN A 41 -4.63 13.17 -9.07
N ILE A 42 -4.71 14.36 -9.66
CA ILE A 42 -5.97 14.98 -10.05
C ILE A 42 -6.09 14.96 -11.57
N PHE A 43 -7.25 14.57 -12.08
CA PHE A 43 -7.48 14.45 -13.51
C PHE A 43 -8.87 14.95 -13.82
N CYS A 44 -9.03 15.71 -14.89
CA CYS A 44 -10.31 16.32 -15.22
C CYS A 44 -10.62 16.14 -16.70
N HIS A 45 -11.92 16.10 -17.03
CA HIS A 45 -12.33 15.97 -18.41
C HIS A 45 -13.57 16.80 -18.72
N ASN A 46 -13.73 17.00 -20.04
CA ASN A 46 -14.81 17.75 -20.67
C ASN A 46 -15.83 16.75 -21.19
N ASP A 47 -17.07 16.85 -20.71
CA ASP A 47 -18.11 15.86 -20.98
C ASP A 47 -18.82 16.05 -22.32
N TYR A 48 -18.62 17.18 -23.00
CA TYR A 48 -19.12 17.37 -24.37
C TYR A 48 -18.11 18.22 -25.11
N PRO A 49 -16.95 17.64 -25.45
CA PRO A 49 -15.86 18.44 -26.04
C PRO A 49 -16.10 18.82 -27.49
N GLU A 50 -17.05 18.18 -28.18
CA GLU A 50 -17.15 18.38 -29.62
C GLU A 50 -17.49 19.81 -29.97
N THR A 51 -18.40 20.43 -29.19
CA THR A 51 -18.84 21.79 -29.40
C THR A 51 -18.37 22.77 -28.33
N ILE A 52 -17.95 22.27 -27.16
CA ILE A 52 -17.69 23.09 -25.99
C ILE A 52 -16.22 23.03 -25.63
N THR A 53 -15.74 24.09 -24.98
CA THR A 53 -14.39 24.19 -24.47
C THR A 53 -14.44 24.48 -22.97
N ASP A 54 -13.74 23.69 -22.16
CA ASP A 54 -13.72 23.94 -20.72
C ASP A 54 -12.44 24.67 -20.31
N TYR A 55 -12.59 25.63 -19.41
CA TYR A 55 -11.51 26.49 -18.93
C TYR A 55 -11.31 26.28 -17.44
N VAL A 56 -10.09 25.94 -17.04
CA VAL A 56 -9.77 25.58 -15.66
C VAL A 56 -8.67 26.50 -15.15
N THR A 57 -8.84 27.02 -13.94
CA THR A 57 -7.84 27.85 -13.30
C THR A 57 -7.67 27.41 -11.85
N LEU A 58 -6.55 27.82 -11.26
CA LEU A 58 -6.38 27.74 -9.82
C LEU A 58 -6.91 29.05 -9.25
N GLN A 59 -8.11 29.00 -8.69
CA GLN A 59 -8.75 30.23 -8.20
C GLN A 59 -8.02 30.76 -6.98
N ARG A 60 -7.74 29.87 -6.03
CA ARG A 60 -6.84 30.23 -4.95
C ARG A 60 -6.19 28.94 -4.46
N GLY A 61 -5.09 29.11 -3.75
CA GLY A 61 -4.41 28.00 -3.11
C GLY A 61 -3.99 28.54 -1.77
N SER A 62 -4.13 27.73 -0.74
CA SER A 62 -3.88 28.20 0.61
C SER A 62 -3.12 27.14 1.38
N ALA A 63 -2.33 27.60 2.34
CA ALA A 63 -1.48 26.75 3.15
C ALA A 63 -2.11 26.59 4.54
N TYR A 64 -2.01 25.39 5.08
CA TYR A 64 -2.56 25.07 6.39
C TYR A 64 -1.56 24.22 7.15
N GLY A 65 -1.82 24.05 8.44
CA GLY A 65 -0.96 23.21 9.26
C GLY A 65 0.48 23.70 9.27
N GLY A 66 1.41 22.75 9.17
CA GLY A 66 2.82 23.07 9.29
C GLY A 66 3.40 23.77 8.08
N VAL A 67 2.80 23.55 6.89
CA VAL A 67 3.26 24.25 5.70
C VAL A 67 3.10 25.75 5.87
N LEU A 68 2.03 26.16 6.54
CA LEU A 68 1.81 27.59 6.78
C LEU A 68 2.88 28.16 7.71
N SER A 69 3.25 27.41 8.75
CA SER A 69 4.12 27.93 9.80
C SER A 69 5.59 27.89 9.39
N ASN A 70 6.01 26.80 8.74
CA ASN A 70 7.42 26.44 8.64
C ASN A 70 7.92 26.31 7.21
N PHE A 71 7.14 26.75 6.22
CA PHE A 71 7.53 26.61 4.83
C PHE A 71 7.23 27.87 4.04
N SER A 72 8.12 28.16 3.11
CA SER A 72 7.88 29.06 1.99
C SER A 72 7.59 28.19 0.78
N GLY A 73 7.08 28.78 -0.29
CA GLY A 73 6.84 27.97 -1.45
C GLY A 73 6.23 28.74 -2.60
N THR A 74 6.13 28.03 -3.72
CA THR A 74 5.48 28.51 -4.93
C THR A 74 4.64 27.38 -5.49
N VAL A 75 3.74 27.73 -6.39
CA VAL A 75 2.97 26.77 -7.15
C VAL A 75 3.29 26.98 -8.63
N LYS A 76 3.43 25.89 -9.36
CA LYS A 76 3.71 25.93 -10.79
C LYS A 76 2.48 25.42 -11.50
N TYR A 77 1.89 26.27 -12.34
CA TYR A 77 0.67 25.97 -13.06
C TYR A 77 0.98 26.07 -14.55
N SER A 78 0.82 24.95 -15.26
CA SER A 78 0.91 24.91 -16.71
C SER A 78 2.08 25.73 -17.24
N GLY A 79 3.26 25.48 -16.67
CA GLY A 79 4.50 26.04 -17.16
C GLY A 79 4.98 27.31 -16.49
N SER A 80 4.18 27.93 -15.62
CA SER A 80 4.57 29.20 -15.02
C SER A 80 4.55 29.13 -13.50
N SER A 81 5.41 29.94 -12.88
CA SER A 81 5.55 29.97 -11.43
C SER A 81 4.73 31.11 -10.84
N TYR A 82 4.11 30.86 -9.69
CA TYR A 82 3.32 31.83 -8.96
C TYR A 82 3.57 31.57 -7.47
N PRO A 83 3.47 32.59 -6.63
CA PRO A 83 3.66 32.34 -5.19
C PRO A 83 2.58 31.43 -4.62
N PHE A 84 2.92 30.77 -3.52
CA PHE A 84 1.99 29.94 -2.75
C PHE A 84 2.25 30.18 -1.26
N PRO A 85 1.23 30.61 -0.47
CA PRO A 85 -0.18 30.87 -0.79
C PRO A 85 -0.37 31.89 -1.91
N THR A 86 -1.46 31.70 -2.67
CA THR A 86 -1.67 32.45 -3.91
C THR A 86 -2.19 33.85 -3.66
N THR A 87 -1.70 34.79 -4.47
CA THR A 87 -2.12 36.19 -4.40
C THR A 87 -3.01 36.60 -5.57
N SER A 88 -3.27 35.69 -6.52
CA SER A 88 -4.11 36.01 -7.67
C SER A 88 -4.56 34.73 -8.34
N GLU A 89 -5.63 34.85 -9.12
CA GLU A 89 -6.10 33.72 -9.92
C GLU A 89 -5.18 33.52 -11.11
N THR A 90 -5.03 32.26 -11.52
CA THR A 90 -4.08 31.94 -12.57
C THR A 90 -4.72 31.99 -13.95
N PRO A 91 -3.89 32.07 -14.99
CA PRO A 91 -4.39 31.89 -16.36
C PRO A 91 -5.09 30.56 -16.54
N ARG A 92 -5.75 30.42 -17.68
CA ARG A 92 -6.62 29.26 -17.91
C ARG A 92 -5.88 28.13 -18.60
N VAL A 93 -6.31 26.91 -18.31
CA VAL A 93 -5.92 25.69 -18.98
C VAL A 93 -7.15 25.13 -19.68
N VAL A 94 -6.98 24.63 -20.88
CA VAL A 94 -8.10 24.17 -21.68
C VAL A 94 -8.26 22.67 -21.49
N TYR A 95 -9.50 22.23 -21.39
CA TYR A 95 -9.87 20.82 -21.35
C TYR A 95 -10.87 20.62 -22.48
N ASN A 96 -10.51 19.75 -23.42
CA ASN A 96 -11.24 19.53 -24.66
C ASN A 96 -11.21 18.07 -25.07
N SER A 97 -11.31 17.17 -24.10
CA SER A 97 -11.38 15.74 -24.41
C SER A 97 -12.17 15.03 -23.32
N ARG A 98 -12.96 14.03 -23.71
CA ARG A 98 -13.65 13.22 -22.72
C ARG A 98 -12.70 12.30 -21.97
N THR A 99 -11.44 12.22 -22.39
CA THR A 99 -10.44 11.42 -21.70
C THR A 99 -9.90 12.17 -20.49
N ASP A 100 -9.87 11.51 -19.35
CA ASP A 100 -9.28 12.07 -18.14
C ASP A 100 -7.84 12.52 -18.39
N LYS A 101 -7.58 13.81 -18.18
CA LYS A 101 -6.25 14.36 -18.36
C LYS A 101 -5.79 15.11 -17.11
N PRO A 102 -4.50 15.18 -16.86
CA PRO A 102 -4.01 15.71 -15.58
C PRO A 102 -4.27 17.19 -15.41
N TRP A 103 -4.32 17.60 -14.14
CA TRP A 103 -4.33 19.01 -13.76
C TRP A 103 -2.89 19.45 -13.51
N PRO A 104 -2.26 20.24 -14.39
CA PRO A 104 -0.81 20.51 -14.29
C PRO A 104 -0.45 21.50 -13.18
N VAL A 105 -0.51 21.02 -11.94
CA VAL A 105 -0.20 21.82 -10.77
C VAL A 105 0.91 21.11 -9.99
N ALA A 106 1.86 21.89 -9.49
CA ALA A 106 2.87 21.32 -8.61
C ALA A 106 3.28 22.35 -7.56
N LEU A 107 3.33 21.92 -6.30
CA LEU A 107 3.74 22.76 -5.18
C LEU A 107 5.20 22.52 -4.86
N TYR A 108 5.96 23.61 -4.73
CA TYR A 108 7.36 23.56 -4.30
C TYR A 108 7.41 24.26 -2.95
N LEU A 109 7.73 23.52 -1.89
CA LEU A 109 7.74 24.05 -0.54
C LEU A 109 9.12 23.84 0.04
N THR A 110 9.70 24.87 0.63
CA THR A 110 11.01 24.76 1.24
C THR A 110 10.92 25.26 2.67
N PRO A 111 11.41 24.50 3.65
CA PRO A 111 11.40 25.01 5.03
C PRO A 111 12.17 26.32 5.12
N VAL A 112 11.71 27.17 6.03
CA VAL A 112 12.32 28.48 6.22
C VAL A 112 13.46 28.37 7.23
N SER A 113 14.28 29.42 7.31
CA SER A 113 15.50 29.37 8.13
C SER A 113 15.19 28.92 9.55
N SER A 114 14.14 29.45 10.16
CA SER A 114 13.82 29.12 11.54
C SER A 114 13.18 27.74 11.69
N ALA A 115 12.99 27.02 10.58
CA ALA A 115 12.34 25.73 10.62
C ALA A 115 13.23 24.70 11.30
N GLY A 116 12.62 23.82 12.09
CA GLY A 116 13.38 22.80 12.78
C GLY A 116 12.50 21.81 13.52
N GLY A 117 12.83 20.53 13.43
CA GLY A 117 12.05 19.50 14.11
C GLY A 117 11.00 18.91 13.20
N VAL A 118 9.90 18.44 13.76
CA VAL A 118 8.77 18.00 12.94
C VAL A 118 8.07 19.24 12.39
N ALA A 119 8.05 19.36 11.06
CA ALA A 119 7.42 20.51 10.41
C ALA A 119 6.06 20.19 9.80
N ILE A 120 5.73 18.92 9.62
CA ILE A 120 4.43 18.50 9.11
C ILE A 120 4.04 17.20 9.80
N LYS A 121 2.92 17.20 10.52
CA LYS A 121 2.43 15.99 11.17
C LYS A 121 1.56 15.19 10.20
N ALA A 122 1.73 13.87 10.23
CA ALA A 122 1.01 13.01 9.30
C ALA A 122 -0.49 13.12 9.53
N GLY A 123 -1.25 13.08 8.43
CA GLY A 123 -2.69 13.16 8.50
C GLY A 123 -3.25 14.56 8.53
N SER A 124 -2.40 15.58 8.64
CA SER A 124 -2.86 16.95 8.79
C SER A 124 -3.11 17.60 7.44
N LEU A 125 -4.01 18.56 7.43
CA LEU A 125 -4.26 19.35 6.23
C LEU A 125 -3.09 20.30 6.01
N ILE A 126 -2.49 20.26 4.82
CA ILE A 126 -1.35 21.09 4.51
C ILE A 126 -1.68 22.17 3.48
N ALA A 127 -2.74 22.00 2.69
CA ALA A 127 -3.13 23.02 1.75
C ALA A 127 -4.54 22.72 1.26
N VAL A 128 -5.17 23.75 0.70
CA VAL A 128 -6.44 23.60 -0.02
C VAL A 128 -6.31 24.34 -1.33
N LEU A 129 -6.67 23.66 -2.43
CA LEU A 129 -6.57 24.22 -3.76
C LEU A 129 -7.96 24.27 -4.36
N ILE A 130 -8.33 25.42 -4.93
CA ILE A 130 -9.65 25.61 -5.49
C ILE A 130 -9.50 25.69 -7.00
N LEU A 131 -10.02 24.69 -7.69
CA LEU A 131 -10.04 24.68 -9.15
C LEU A 131 -11.35 25.32 -9.60
N ARG A 132 -11.25 26.28 -10.51
CA ARG A 132 -12.41 27.00 -11.01
C ARG A 132 -12.63 26.59 -12.46
N GLN A 133 -13.79 26.02 -12.74
CA GLN A 133 -14.16 25.68 -14.09
C GLN A 133 -15.13 26.72 -14.63
N THR A 134 -14.87 27.16 -15.85
CA THR A 134 -15.78 27.96 -16.66
C THR A 134 -15.84 27.28 -18.02
N ASN A 135 -16.47 27.92 -19.00
CA ASN A 135 -16.60 27.33 -20.32
C ASN A 135 -16.88 28.44 -21.32
N ASN A 136 -17.12 28.06 -22.56
CA ASN A 136 -17.35 29.02 -23.64
C ASN A 136 -18.81 29.08 -24.08
N TYR A 137 -19.74 28.55 -23.26
CA TYR A 137 -21.14 28.53 -23.73
C TYR A 137 -22.11 29.17 -22.73
N ASN A 138 -21.86 29.07 -21.42
CA ASN A 138 -22.80 29.64 -20.46
C ASN A 138 -22.00 30.30 -19.33
N SER A 139 -22.73 30.70 -18.28
CA SER A 139 -22.17 31.40 -17.13
C SER A 139 -21.75 30.47 -15.99
N ASP A 140 -21.55 29.18 -16.28
CA ASP A 140 -21.17 28.25 -15.22
C ASP A 140 -19.82 28.65 -14.63
N ASP A 141 -19.79 28.76 -13.30
CA ASP A 141 -18.56 29.06 -12.55
C ASP A 141 -18.55 28.07 -11.39
N PHE A 142 -17.89 26.93 -11.59
CA PHE A 142 -17.91 25.84 -10.62
C PHE A 142 -16.59 25.73 -9.88
N GLN A 143 -16.68 25.25 -8.64
CA GLN A 143 -15.53 25.09 -7.77
C GLN A 143 -15.34 23.62 -7.45
N PHE A 144 -14.16 23.10 -7.79
CA PHE A 144 -13.71 21.77 -7.40
C PHE A 144 -12.63 21.97 -6.33
N VAL A 145 -12.94 21.64 -5.08
CA VAL A 145 -12.06 21.93 -3.96
C VAL A 145 -11.29 20.67 -3.60
N TRP A 146 -9.98 20.80 -3.46
CA TRP A 146 -9.08 19.69 -3.19
C TRP A 146 -8.38 19.98 -1.86
N ASN A 147 -8.68 19.17 -0.85
CA ASN A 147 -8.05 19.29 0.46
C ASN A 147 -6.87 18.33 0.50
N ILE A 148 -5.66 18.86 0.67
CA ILE A 148 -4.42 18.10 0.54
C ILE A 148 -3.94 17.72 1.92
N TYR A 149 -3.77 16.42 2.15
CA TYR A 149 -3.34 15.86 3.42
C TYR A 149 -2.01 15.16 3.29
N ALA A 150 -1.22 15.22 4.36
CA ALA A 150 0.08 14.58 4.39
C ALA A 150 -0.06 13.12 4.78
N ASN A 151 0.58 12.24 4.02
CA ASN A 151 0.56 10.81 4.32
C ASN A 151 1.63 10.42 5.36
N ASN A 152 2.50 11.34 5.74
CA ASN A 152 3.59 11.01 6.65
C ASN A 152 4.15 12.29 7.26
N ASP A 153 4.83 12.13 8.38
CA ASP A 153 5.54 13.24 8.99
C ASP A 153 6.65 13.71 8.06
N VAL A 154 7.10 14.94 8.28
CA VAL A 154 8.26 15.50 7.61
C VAL A 154 9.12 16.18 8.67
N VAL A 155 10.40 15.85 8.71
CA VAL A 155 11.32 16.37 9.70
C VAL A 155 12.32 17.26 8.99
N VAL A 156 12.52 18.46 9.51
CA VAL A 156 13.56 19.38 9.05
C VAL A 156 14.71 19.30 10.04
N PRO A 157 15.84 18.68 9.67
CA PRO A 157 16.95 18.55 10.62
C PRO A 157 17.52 19.92 10.94
N THR A 158 18.07 20.05 12.13
CA THR A 158 18.57 21.33 12.60
C THR A 158 20.09 21.28 12.75
N PHE B 1 14.13 -21.89 27.61
CA PHE B 1 13.66 -20.65 26.94
C PHE B 1 12.17 -20.45 27.14
N ALA B 2 11.78 -19.31 27.73
CA ALA B 2 10.34 -19.05 27.85
C ALA B 2 10.08 -17.56 27.66
N CYS B 3 8.80 -17.23 27.58
CA CYS B 3 8.37 -15.85 27.37
C CYS B 3 7.23 -15.52 28.33
N LYS B 4 7.26 -14.30 28.86
CA LYS B 4 6.25 -13.77 29.77
C LYS B 4 5.78 -12.44 29.21
N THR B 5 4.57 -12.05 29.61
CA THR B 5 4.03 -10.76 29.23
C THR B 5 4.16 -9.77 30.39
N ALA B 6 3.72 -8.53 30.13
CA ALA B 6 3.85 -7.48 31.13
C ALA B 6 3.06 -7.83 32.39
N ASN B 7 1.82 -8.25 32.22
CA ASN B 7 0.92 -8.55 33.33
C ASN B 7 1.19 -9.89 33.99
N GLY B 8 2.25 -10.60 33.61
CA GLY B 8 2.68 -11.83 34.27
C GLY B 8 2.43 -13.08 33.46
N THR B 9 1.40 -13.08 32.62
CA THR B 9 1.07 -14.25 31.82
C THR B 9 2.32 -14.80 31.14
N ALA B 10 2.43 -16.14 31.13
CA ALA B 10 3.63 -16.79 30.65
C ALA B 10 3.29 -17.97 29.74
N ILE B 11 4.22 -18.27 28.85
CA ILE B 11 4.19 -19.46 28.00
C ILE B 11 5.45 -20.24 28.34
N PRO B 12 5.36 -21.49 28.77
CA PRO B 12 6.50 -22.16 29.38
C PRO B 12 7.44 -22.77 28.34
N ILE B 13 8.52 -23.38 28.85
CA ILE B 13 9.42 -24.13 27.99
C ILE B 13 8.60 -25.09 27.13
N GLY B 14 8.98 -25.21 25.86
CA GLY B 14 8.29 -26.04 24.91
C GLY B 14 7.28 -25.30 24.06
N GLY B 15 6.84 -24.13 24.49
CA GLY B 15 5.94 -23.31 23.72
C GLY B 15 4.53 -23.31 24.29
N GLY B 16 3.61 -22.78 23.51
CA GLY B 16 2.23 -22.62 23.94
C GLY B 16 1.65 -21.37 23.31
N SER B 17 0.59 -20.85 23.92
CA SER B 17 -0.03 -19.62 23.45
C SER B 17 -0.52 -18.82 24.64
N ALA B 18 -0.71 -17.52 24.40
CA ALA B 18 -1.17 -16.62 25.45
C ALA B 18 -1.95 -15.45 24.86
N ASN B 19 -2.67 -14.75 25.72
CA ASN B 19 -3.44 -13.56 25.38
C ASN B 19 -2.76 -12.34 26.00
N VAL B 20 -2.44 -11.35 25.16
CA VAL B 20 -1.83 -10.09 25.58
C VAL B 20 -2.79 -8.97 25.29
N TYR B 21 -3.09 -8.15 26.30
CA TYR B 21 -4.01 -7.03 26.15
C TYR B 21 -3.21 -5.73 26.06
N VAL B 22 -3.38 -5.00 24.96
CA VAL B 22 -2.56 -3.83 24.64
C VAL B 22 -3.43 -2.58 24.59
N ASN B 23 -2.88 -1.47 25.09
CA ASN B 23 -3.52 -0.15 24.96
C ASN B 23 -3.24 0.41 23.57
N LEU B 24 -4.24 1.07 22.99
CA LEU B 24 -4.15 1.60 21.64
C LEU B 24 -4.46 3.09 21.61
N ALA B 25 -3.97 3.73 20.55
CA ALA B 25 -4.26 5.14 20.31
C ALA B 25 -5.77 5.31 20.11
N PRO B 26 -6.43 6.15 20.92
CA PRO B 26 -7.89 6.29 20.80
C PRO B 26 -8.36 6.73 19.45
N VAL B 27 -7.54 7.46 18.71
CA VAL B 27 -7.95 8.11 17.48
C VAL B 27 -6.80 8.09 16.49
N VAL B 28 -7.10 7.75 15.24
CA VAL B 28 -6.11 7.64 14.18
C VAL B 28 -6.75 8.14 12.89
N ASN B 29 -6.16 9.19 12.30
CA ASN B 29 -6.67 9.80 11.08
C ASN B 29 -6.12 9.09 9.85
N VAL B 30 -6.86 9.19 8.75
CA VAL B 30 -6.37 8.71 7.47
C VAL B 30 -5.02 9.36 7.18
N GLY B 31 -4.02 8.53 6.90
CA GLY B 31 -2.67 8.99 6.67
C GLY B 31 -1.79 8.89 7.90
N GLN B 32 -2.38 8.81 9.09
CA GLN B 32 -1.61 8.61 10.31
C GLN B 32 -1.34 7.12 10.52
N ASN B 33 -0.49 6.84 11.50
CA ASN B 33 -0.13 5.48 11.86
C ASN B 33 -0.66 5.13 13.24
N LEU B 34 -1.16 3.91 13.35
CA LEU B 34 -1.47 3.25 14.61
C LEU B 34 -0.36 2.25 14.89
N VAL B 35 0.27 2.37 16.06
CA VAL B 35 1.44 1.60 16.39
C VAL B 35 1.11 0.64 17.53
N VAL B 36 1.44 -0.62 17.35
CA VAL B 36 1.30 -1.65 18.37
C VAL B 36 2.71 -2.13 18.69
N ASP B 37 3.30 -1.59 19.75
CA ASP B 37 4.68 -1.90 20.11
C ASP B 37 4.67 -3.03 21.12
N LEU B 38 4.81 -4.26 20.63
CA LEU B 38 4.89 -5.42 21.52
C LEU B 38 6.21 -5.49 22.27
N SER B 39 7.19 -4.67 21.89
CA SER B 39 8.46 -4.65 22.62
C SER B 39 8.29 -4.20 24.06
N THR B 40 7.13 -3.63 24.42
CA THR B 40 6.84 -3.26 25.80
C THR B 40 5.83 -4.21 26.44
N GLN B 41 5.62 -5.37 25.84
CA GLN B 41 4.62 -6.31 26.34
C GLN B 41 5.14 -7.75 26.42
N ILE B 42 5.91 -8.20 25.44
CA ILE B 42 6.38 -9.58 25.36
C ILE B 42 7.87 -9.58 25.67
N PHE B 43 8.29 -10.51 26.54
CA PHE B 43 9.67 -10.58 27.03
C PHE B 43 10.06 -12.04 27.13
N CYS B 44 11.28 -12.36 26.72
CA CYS B 44 11.71 -13.75 26.66
C CYS B 44 13.08 -13.91 27.29
N HIS B 45 13.35 -15.12 27.78
CA HIS B 45 14.64 -15.41 28.35
C HIS B 45 15.15 -16.80 27.95
N ASN B 46 16.47 -16.91 28.01
CA ASN B 46 17.23 -18.10 27.69
C ASN B 46 17.63 -18.75 29.01
N ASP B 47 17.22 -20.00 29.21
CA ASP B 47 17.38 -20.66 30.49
C ASP B 47 18.77 -21.24 30.69
N TYR B 48 19.61 -21.29 29.66
CA TYR B 48 21.01 -21.69 29.80
C TYR B 48 21.85 -20.94 28.78
N PRO B 49 22.08 -19.64 28.99
CA PRO B 49 22.77 -18.84 27.97
C PRO B 49 24.27 -19.10 27.90
N GLU B 50 24.89 -19.69 28.92
CA GLU B 50 26.33 -19.85 28.92
C GLU B 50 26.80 -20.78 27.81
N THR B 51 26.05 -21.85 27.57
CA THR B 51 26.38 -22.84 26.55
C THR B 51 25.47 -22.80 25.34
N ILE B 52 24.26 -22.27 25.48
CA ILE B 52 23.24 -22.38 24.46
C ILE B 52 22.90 -20.99 23.96
N THR B 53 22.48 -20.93 22.70
CA THR B 53 22.02 -19.70 22.08
C THR B 53 20.62 -19.93 21.54
N ASP B 54 19.67 -19.05 21.89
CA ASP B 54 18.31 -19.19 21.39
C ASP B 54 18.10 -18.26 20.20
N TYR B 55 17.40 -18.77 19.19
CA TYR B 55 17.13 -18.02 17.96
C TYR B 55 15.63 -17.88 17.82
N VAL B 56 15.14 -16.65 17.69
CA VAL B 56 13.71 -16.36 17.69
C VAL B 56 13.34 -15.64 16.40
N THR B 57 12.25 -16.07 15.77
CA THR B 57 11.75 -15.43 14.58
C THR B 57 10.24 -15.22 14.67
N LEU B 58 9.76 -14.31 13.83
CA LEU B 58 8.32 -14.17 13.58
C LEU B 58 7.99 -15.09 12.42
N GLN B 59 7.38 -16.25 12.73
CA GLN B 59 7.14 -17.24 11.70
C GLN B 59 6.04 -16.77 10.75
N ARG B 60 4.90 -16.36 11.29
CA ARG B 60 3.90 -15.65 10.51
C ARG B 60 3.08 -14.80 11.48
N GLY B 61 2.41 -13.81 10.92
CA GLY B 61 1.53 -12.96 11.70
C GLY B 61 0.33 -12.62 10.87
N SER B 62 -0.85 -12.60 11.50
CA SER B 62 -2.17 -12.40 10.83
C SER B 62 -2.93 -11.29 11.54
N ALA B 63 -3.81 -10.57 10.83
CA ALA B 63 -4.67 -9.51 11.42
C ALA B 63 -6.07 -10.06 11.67
N TYR B 64 -6.81 -9.40 12.55
CA TYR B 64 -8.21 -9.71 12.94
C TYR B 64 -8.96 -8.41 13.24
N GLY B 65 -10.28 -8.45 13.06
CA GLY B 65 -11.16 -7.26 13.09
C GLY B 65 -10.41 -6.02 12.65
N GLY B 66 -10.51 -4.95 13.43
CA GLY B 66 -9.92 -3.64 13.10
C GLY B 66 -8.70 -3.76 12.22
N VAL B 67 -7.59 -4.25 12.79
CA VAL B 67 -6.27 -4.31 12.09
C VAL B 67 -6.52 -4.89 10.70
N LEU B 68 -7.29 -5.97 10.65
CA LEU B 68 -7.54 -6.79 9.43
C LEU B 68 -8.41 -5.98 8.47
N SER B 69 -9.25 -5.13 9.03
CA SER B 69 -10.59 -4.73 8.51
C SER B 69 -10.52 -3.34 7.89
N ASN B 70 -9.70 -2.45 8.45
CA ASN B 70 -9.72 -1.01 8.12
C ASN B 70 -8.34 -0.39 8.44
N PHE B 71 -7.27 -1.16 8.21
CA PHE B 71 -5.89 -0.65 8.08
C PHE B 71 -5.14 -1.44 7.01
N SER B 72 -4.18 -0.77 6.35
CA SER B 72 -2.97 -1.36 5.75
C SER B 72 -1.94 -1.60 6.86
N GLY B 73 -0.83 -2.28 6.56
CA GLY B 73 0.01 -2.90 7.58
C GLY B 73 1.46 -3.06 7.14
N THR B 74 2.38 -2.73 8.04
CA THR B 74 3.77 -3.23 8.10
C THR B 74 4.02 -3.84 9.47
N VAL B 75 5.14 -4.53 9.63
CA VAL B 75 5.69 -5.01 10.93
C VAL B 75 7.20 -4.76 10.92
N LYS B 76 7.74 -4.39 12.07
CA LYS B 76 9.19 -4.20 12.31
C LYS B 76 9.70 -5.36 13.16
N TYR B 77 10.56 -6.19 12.61
CA TYR B 77 11.30 -7.22 13.38
C TYR B 77 12.77 -6.81 13.49
N SER B 78 13.18 -6.48 14.72
CA SER B 78 14.59 -6.27 15.12
C SER B 78 15.32 -5.45 14.06
N GLY B 79 14.74 -4.33 13.65
CA GLY B 79 15.43 -3.24 12.94
C GLY B 79 15.06 -3.22 11.47
N SER B 80 14.13 -4.08 11.08
CA SER B 80 13.77 -4.35 9.67
C SER B 80 12.26 -4.37 9.52
N SER B 81 11.76 -3.76 8.44
CA SER B 81 10.32 -3.64 8.10
C SER B 81 9.95 -4.73 7.11
N TYR B 82 8.83 -5.41 7.40
CA TYR B 82 8.28 -6.54 6.65
C TYR B 82 6.79 -6.28 6.46
N PRO B 83 6.11 -6.89 5.46
CA PRO B 83 4.67 -6.75 5.34
C PRO B 83 3.96 -7.39 6.53
N PHE B 84 2.87 -6.76 6.98
CA PHE B 84 1.80 -7.39 7.78
C PHE B 84 0.53 -7.37 6.95
N PRO B 85 -0.28 -8.46 6.90
CA PRO B 85 0.16 -9.81 7.28
C PRO B 85 1.41 -10.31 6.55
N THR B 86 2.17 -11.15 7.24
CA THR B 86 3.48 -11.56 6.78
C THR B 86 3.41 -12.59 5.66
N THR B 87 4.34 -12.44 4.71
CA THR B 87 4.43 -13.34 3.57
C THR B 87 5.63 -14.29 3.67
N SER B 88 6.45 -14.14 4.71
CA SER B 88 7.63 -14.99 4.86
C SER B 88 8.10 -14.94 6.31
N GLU B 89 8.88 -15.95 6.69
CA GLU B 89 9.49 -15.96 8.01
C GLU B 89 10.62 -14.95 8.05
N THR B 90 10.83 -14.35 9.21
CA THR B 90 11.80 -13.26 9.34
C THR B 90 13.18 -13.80 9.68
N PRO B 91 14.21 -12.98 9.51
CA PRO B 91 15.53 -13.34 10.04
C PRO B 91 15.45 -13.57 11.55
N ARG B 92 16.52 -14.12 12.09
CA ARG B 92 16.54 -14.56 13.47
C ARG B 92 17.06 -13.45 14.39
N VAL B 93 16.57 -13.46 15.62
CA VAL B 93 17.03 -12.61 16.70
C VAL B 93 17.63 -13.51 17.77
N VAL B 94 18.72 -13.09 18.36
CA VAL B 94 19.45 -13.90 19.32
C VAL B 94 19.01 -13.56 20.73
N TYR B 95 18.86 -14.59 21.56
CA TYR B 95 18.61 -14.47 22.98
C TYR B 95 19.69 -15.25 23.70
N ASN B 96 20.45 -14.55 24.54
CA ASN B 96 21.63 -15.08 25.23
C ASN B 96 21.75 -14.50 26.63
N SER B 97 20.62 -14.36 27.33
CA SER B 97 20.65 -13.89 28.72
C SER B 97 19.48 -14.47 29.48
N ARG B 98 19.70 -14.78 30.76
CA ARG B 98 18.62 -15.24 31.63
C ARG B 98 17.67 -14.11 32.03
N THR B 99 18.03 -12.86 31.73
CA THR B 99 17.16 -11.73 32.01
C THR B 99 16.09 -11.61 30.94
N ASP B 100 14.84 -11.48 31.38
CA ASP B 100 13.74 -11.21 30.46
C ASP B 100 14.06 -9.97 29.64
N LYS B 101 14.12 -10.16 28.32
CA LYS B 101 14.42 -9.08 27.38
C LYS B 101 13.30 -8.96 26.36
N PRO B 102 13.05 -7.77 25.83
CA PRO B 102 11.87 -7.56 25.00
C PRO B 102 11.93 -8.34 23.69
N TRP B 103 10.75 -8.61 23.14
CA TRP B 103 10.63 -9.16 21.80
C TRP B 103 10.48 -8.00 20.82
N PRO B 104 11.49 -7.69 20.01
CA PRO B 104 11.45 -6.45 19.21
C PRO B 104 10.52 -6.50 18.02
N VAL B 105 9.21 -6.44 18.26
CA VAL B 105 8.20 -6.46 17.22
C VAL B 105 7.33 -5.21 17.38
N ALA B 106 7.01 -4.56 16.26
CA ALA B 106 6.07 -3.44 16.32
C ALA B 106 5.26 -3.38 15.04
N LEU B 107 3.95 -3.20 15.18
CA LEU B 107 3.05 -3.12 14.04
C LEU B 107 2.77 -1.65 13.72
N TYR B 108 2.89 -1.31 12.43
CA TYR B 108 2.54 0.01 11.89
C TYR B 108 1.35 -0.16 10.97
N LEU B 109 0.21 0.41 11.33
CA LEU B 109 -1.02 0.25 10.59
C LEU B 109 -1.52 1.63 10.19
N THR B 110 -2.00 1.77 8.97
CA THR B 110 -2.51 3.05 8.51
C THR B 110 -3.93 2.81 8.00
N PRO B 111 -4.89 3.65 8.37
CA PRO B 111 -6.25 3.45 7.86
C PRO B 111 -6.29 3.47 6.34
N VAL B 112 -7.21 2.69 5.80
CA VAL B 112 -7.45 2.63 4.36
C VAL B 112 -8.45 3.73 4.03
N SER B 113 -8.63 4.01 2.74
CA SER B 113 -9.39 5.20 2.34
C SER B 113 -10.75 5.28 3.02
N SER B 114 -11.49 4.17 3.04
CA SER B 114 -12.87 4.16 3.54
C SER B 114 -12.99 4.11 5.06
N ALA B 115 -11.90 4.20 5.81
CA ALA B 115 -11.98 4.02 7.25
C ALA B 115 -12.76 5.14 7.93
N GLY B 116 -13.58 4.77 8.92
CA GLY B 116 -14.39 5.72 9.66
C GLY B 116 -15.17 5.10 10.81
N GLY B 117 -15.19 5.78 11.95
CA GLY B 117 -15.94 5.34 13.11
C GLY B 117 -15.10 4.52 14.07
N VAL B 118 -15.71 3.65 14.85
CA VAL B 118 -14.94 2.71 15.68
C VAL B 118 -14.40 1.61 14.79
N ALA B 119 -13.08 1.51 14.70
CA ALA B 119 -12.43 0.49 13.90
C ALA B 119 -11.85 -0.64 14.75
N ILE B 120 -11.80 -0.49 16.06
CA ILE B 120 -11.34 -1.53 16.97
C ILE B 120 -12.25 -1.49 18.18
N LYS B 121 -12.98 -2.57 18.44
CA LYS B 121 -13.83 -2.67 19.62
C LYS B 121 -13.02 -3.24 20.78
N ALA B 122 -13.19 -2.62 21.95
CA ALA B 122 -12.36 -2.95 23.10
C ALA B 122 -12.55 -4.39 23.54
N GLY B 123 -11.46 -5.03 23.94
CA GLY B 123 -11.47 -6.38 24.43
C GLY B 123 -11.39 -7.46 23.36
N SER B 124 -11.54 -7.09 22.09
CA SER B 124 -11.57 -8.07 21.00
C SER B 124 -10.18 -8.32 20.44
N LEU B 125 -10.03 -9.50 19.83
CA LEU B 125 -8.79 -9.91 19.19
C LEU B 125 -8.53 -9.11 17.92
N ILE B 126 -7.32 -8.56 17.80
CA ILE B 126 -6.96 -7.75 16.64
C ILE B 126 -5.91 -8.40 15.75
N ALA B 127 -5.06 -9.28 16.29
CA ALA B 127 -4.08 -9.99 15.47
C ALA B 127 -3.46 -11.11 16.30
N VAL B 128 -2.83 -12.06 15.61
CA VAL B 128 -2.06 -13.13 16.24
C VAL B 128 -0.71 -13.26 15.57
N LEU B 129 0.34 -13.33 16.40
CA LEU B 129 1.73 -13.41 15.95
C LEU B 129 2.35 -14.72 16.44
N ILE B 130 3.09 -15.39 15.57
CA ILE B 130 3.67 -16.70 15.88
C ILE B 130 5.17 -16.51 16.04
N LEU B 131 5.66 -16.69 17.27
CA LEU B 131 7.08 -16.66 17.58
C LEU B 131 7.63 -18.08 17.52
N ARG B 132 8.70 -18.28 16.76
CA ARG B 132 9.31 -19.59 16.60
C ARG B 132 10.73 -19.53 17.15
N GLN B 133 10.99 -20.33 18.19
CA GLN B 133 12.31 -20.40 18.81
C GLN B 133 13.01 -21.71 18.43
N THR B 134 14.30 -21.59 18.13
CA THR B 134 15.21 -22.71 17.92
C THR B 134 16.45 -22.48 18.77
N ASN B 135 17.50 -23.29 18.59
CA ASN B 135 18.67 -23.18 19.46
C ASN B 135 19.91 -23.70 18.73
N ASN B 136 21.00 -23.80 19.49
CA ASN B 136 22.31 -24.17 18.99
C ASN B 136 22.71 -25.60 19.33
N TYR B 137 21.79 -26.41 19.85
CA TYR B 137 22.14 -27.75 20.31
C TYR B 137 21.14 -28.83 19.90
N ASN B 138 19.89 -28.50 19.63
CA ASN B 138 18.83 -29.47 19.43
C ASN B 138 18.04 -29.18 18.17
N SER B 139 17.08 -30.07 17.89
CA SER B 139 16.20 -29.95 16.74
C SER B 139 14.85 -29.35 17.11
N ASP B 140 14.67 -28.94 18.35
CA ASP B 140 13.40 -28.39 18.80
C ASP B 140 13.18 -27.02 18.18
N ASP B 141 12.00 -26.82 17.59
CA ASP B 141 11.59 -25.52 17.06
C ASP B 141 10.18 -25.30 17.60
N PHE B 142 10.09 -24.54 18.69
CA PHE B 142 8.85 -24.40 19.43
C PHE B 142 8.13 -23.12 19.05
N GLN B 143 6.81 -23.15 19.17
CA GLN B 143 5.94 -22.06 18.79
C GLN B 143 5.28 -21.45 20.03
N PHE B 144 5.51 -20.16 20.20
CA PHE B 144 4.85 -19.31 21.19
C PHE B 144 3.88 -18.41 20.43
N VAL B 145 2.59 -18.66 20.59
CA VAL B 145 1.54 -17.98 19.83
C VAL B 145 0.96 -16.87 20.69
N TRP B 146 0.81 -15.68 20.08
CA TRP B 146 0.38 -14.48 20.79
C TRP B 146 -0.92 -13.97 20.21
N ASN B 147 -1.98 -14.01 21.01
CA ASN B 147 -3.28 -13.45 20.66
C ASN B 147 -3.38 -12.05 21.26
N ILE B 148 -3.49 -11.05 20.40
CA ILE B 148 -3.42 -9.64 20.80
C ILE B 148 -4.84 -9.11 20.89
N TYR B 149 -5.19 -8.59 22.07
CA TYR B 149 -6.51 -8.06 22.36
C TYR B 149 -6.39 -6.57 22.62
N ALA B 150 -7.44 -5.83 22.22
CA ALA B 150 -7.46 -4.39 22.43
C ALA B 150 -7.95 -4.08 23.83
N ASN B 151 -7.21 -3.22 24.54
CA ASN B 151 -7.63 -2.80 25.86
C ASN B 151 -8.68 -1.70 25.79
N ASN B 152 -8.91 -1.14 24.62
CA ASN B 152 -9.85 -0.03 24.47
C ASN B 152 -10.21 0.13 23.00
N ASP B 153 -11.30 0.84 22.76
CA ASP B 153 -11.72 1.16 21.40
C ASP B 153 -10.70 2.08 20.71
N VAL B 154 -10.78 2.12 19.38
CA VAL B 154 -10.00 3.04 18.56
C VAL B 154 -10.92 3.63 17.49
N VAL B 155 -10.89 4.96 17.36
CA VAL B 155 -11.78 5.70 16.46
C VAL B 155 -10.96 6.33 15.33
N VAL B 156 -11.41 6.11 14.10
CA VAL B 156 -10.85 6.78 12.92
C VAL B 156 -11.82 7.88 12.50
N PRO B 157 -11.49 9.15 12.69
CA PRO B 157 -12.43 10.23 12.36
C PRO B 157 -12.64 10.39 10.86
N THR B 158 -13.84 10.83 10.51
CA THR B 158 -14.23 11.05 9.12
C THR B 158 -14.57 12.52 8.88
N PHE C 1 -29.64 21.35 -25.28
CA PHE C 1 -30.66 21.80 -26.28
C PHE C 1 -29.98 22.28 -27.54
N ALA C 2 -30.31 21.67 -28.68
CA ALA C 2 -29.75 22.16 -29.94
C ALA C 2 -30.79 22.07 -31.03
N CYS C 3 -30.47 22.70 -32.16
CA CYS C 3 -31.35 22.75 -33.31
C CYS C 3 -30.56 22.44 -34.58
N LYS C 4 -31.21 21.69 -35.47
CA LYS C 4 -30.66 21.29 -36.75
C LYS C 4 -31.65 21.66 -37.85
N THR C 5 -31.14 21.78 -39.06
CA THR C 5 -32.01 21.91 -40.22
C THR C 5 -32.02 20.59 -40.98
N ALA C 6 -32.91 20.50 -41.97
CA ALA C 6 -33.00 19.29 -42.79
C ALA C 6 -31.72 19.07 -43.58
N ASN C 7 -31.23 20.13 -44.21
CA ASN C 7 -30.06 20.13 -45.08
C ASN C 7 -28.72 20.01 -44.33
N GLY C 8 -28.73 19.78 -43.02
CA GLY C 8 -27.54 19.44 -42.26
C GLY C 8 -27.06 20.55 -41.34
N THR C 9 -27.23 21.80 -41.75
CA THR C 9 -26.81 22.94 -40.94
C THR C 9 -27.37 22.82 -39.53
N ALA C 10 -26.53 23.13 -38.55
CA ALA C 10 -26.89 22.97 -37.15
C ALA C 10 -26.37 24.16 -36.34
N ILE C 11 -27.06 24.43 -35.24
CA ILE C 11 -26.61 25.37 -34.22
C ILE C 11 -26.47 24.61 -32.91
N PRO C 12 -25.30 24.59 -32.28
CA PRO C 12 -25.08 23.67 -31.16
C PRO C 12 -25.57 24.21 -29.83
N ILE C 13 -25.33 23.43 -28.76
CA ILE C 13 -25.60 23.90 -27.41
C ILE C 13 -25.02 25.29 -27.22
N GLY C 14 -25.78 26.14 -26.51
CA GLY C 14 -25.37 27.49 -26.22
C GLY C 14 -25.86 28.55 -27.18
N GLY C 15 -26.25 28.17 -28.39
CA GLY C 15 -26.78 29.11 -29.35
C GLY C 15 -25.77 29.41 -30.44
N GLY C 16 -26.08 30.44 -31.22
CA GLY C 16 -25.26 30.79 -32.36
C GLY C 16 -26.11 31.35 -33.47
N SER C 17 -25.61 31.24 -34.69
CA SER C 17 -26.33 31.71 -35.87
C SER C 17 -26.11 30.73 -37.01
N ALA C 18 -27.02 30.76 -37.97
CA ALA C 18 -26.93 29.89 -39.14
C ALA C 18 -27.63 30.56 -40.32
N ASN C 19 -27.31 30.08 -41.51
CA ASN C 19 -27.93 30.50 -42.75
C ASN C 19 -28.77 29.35 -43.28
N VAL C 20 -30.06 29.60 -43.50
CA VAL C 20 -30.98 28.60 -44.03
C VAL C 20 -31.49 29.09 -45.37
N TYR C 21 -31.34 28.26 -46.41
CA TYR C 21 -31.82 28.56 -47.74
C TYR C 21 -33.09 27.77 -48.00
N VAL C 22 -34.17 28.48 -48.31
CA VAL C 22 -35.49 27.87 -48.45
C VAL C 22 -35.96 28.02 -49.88
N ASN C 23 -36.62 26.98 -50.40
CA ASN C 23 -37.25 27.08 -51.72
C ASN C 23 -38.55 27.86 -51.58
N LEU C 24 -38.84 28.69 -52.58
CA LEU C 24 -40.00 29.56 -52.55
C LEU C 24 -40.85 29.29 -53.79
N ALA C 25 -42.14 29.60 -53.67
CA ALA C 25 -43.05 29.47 -54.81
C ALA C 25 -42.54 30.34 -55.94
N PRO C 26 -42.24 29.79 -57.13
CA PRO C 26 -41.65 30.61 -58.19
C PRO C 26 -42.52 31.78 -58.59
N VAL C 27 -43.83 31.69 -58.41
CA VAL C 27 -44.76 32.72 -58.86
C VAL C 27 -45.90 32.84 -57.86
N VAL C 28 -46.25 34.08 -57.51
CA VAL C 28 -47.28 34.37 -56.52
C VAL C 28 -48.04 35.62 -56.97
N ASN C 29 -49.35 35.50 -57.10
CA ASN C 29 -50.16 36.61 -57.56
C ASN C 29 -50.54 37.52 -56.40
N VAL C 30 -50.76 38.80 -56.72
CA VAL C 30 -51.31 39.72 -55.74
C VAL C 30 -52.64 39.14 -55.25
N GLY C 31 -52.78 39.02 -53.93
CA GLY C 31 -53.94 38.40 -53.34
C GLY C 31 -53.76 36.95 -52.96
N GLN C 32 -52.76 36.28 -53.53
CA GLN C 32 -52.39 34.94 -53.09
C GLN C 32 -51.42 35.03 -51.90
N ASN C 33 -51.16 33.88 -51.29
CA ASN C 33 -50.22 33.78 -50.19
C ASN C 33 -48.96 33.02 -50.61
N LEU C 34 -47.83 33.55 -50.15
CA LEU C 34 -46.53 32.91 -50.17
C LEU C 34 -46.25 32.40 -48.76
N VAL C 35 -45.94 31.12 -48.65
CA VAL C 35 -45.76 30.47 -47.35
C VAL C 35 -44.31 30.02 -47.22
N VAL C 36 -43.70 30.38 -46.10
CA VAL C 36 -42.35 29.92 -45.75
C VAL C 36 -42.51 29.12 -44.46
N ASP C 37 -42.58 27.79 -44.59
CA ASP C 37 -42.84 26.91 -43.45
C ASP C 37 -41.50 26.41 -42.91
N LEU C 38 -40.99 27.10 -41.89
CA LEU C 38 -39.77 26.64 -41.25
C LEU C 38 -40.01 25.42 -40.36
N SER C 39 -41.27 25.11 -40.04
CA SER C 39 -41.58 23.92 -39.24
C SER C 39 -41.23 22.63 -39.95
N THR C 40 -40.97 22.67 -41.26
CA THR C 40 -40.54 21.49 -42.00
C THR C 40 -39.05 21.54 -42.32
N GLN C 41 -38.30 22.40 -41.64
CA GLN C 41 -36.86 22.54 -41.86
C GLN C 41 -36.06 22.57 -40.57
N ILE C 42 -36.55 23.24 -39.53
CA ILE C 42 -35.81 23.42 -38.29
C ILE C 42 -36.41 22.50 -37.22
N PHE C 43 -35.55 21.78 -36.51
CA PHE C 43 -35.95 20.80 -35.50
C PHE C 43 -34.99 20.88 -34.34
N CYS C 44 -35.52 20.79 -33.11
CA CYS C 44 -34.70 21.00 -31.93
C CYS C 44 -34.94 19.87 -30.93
N HIS C 45 -33.93 19.63 -30.09
CA HIS C 45 -34.05 18.59 -29.08
C HIS C 45 -33.44 19.00 -27.75
N ASN C 46 -33.90 18.30 -26.71
CA ASN C 46 -33.50 18.45 -25.32
C ASN C 46 -32.54 17.32 -24.96
N ASP C 47 -31.32 17.68 -24.55
CA ASP C 47 -30.25 16.71 -24.35
C ASP C 47 -30.25 16.04 -22.98
N TYR C 48 -31.02 16.55 -22.00
CA TYR C 48 -31.19 15.86 -20.72
C TYR C 48 -32.60 16.11 -20.21
N PRO C 49 -33.59 15.47 -20.83
CA PRO C 49 -34.99 15.76 -20.48
C PRO C 49 -35.44 15.17 -19.14
N GLU C 50 -34.70 14.23 -18.56
CA GLU C 50 -35.17 13.56 -17.35
C GLU C 50 -35.28 14.54 -16.19
N THR C 51 -34.38 15.50 -16.10
CA THR C 51 -34.38 16.48 -15.02
C THR C 51 -34.83 17.87 -15.42
N ILE C 52 -34.68 18.24 -16.69
CA ILE C 52 -34.97 19.60 -17.14
C ILE C 52 -35.95 19.58 -18.30
N THR C 53 -36.65 20.70 -18.45
CA THR C 53 -37.53 20.96 -19.58
C THR C 53 -37.11 22.28 -20.21
N ASP C 54 -36.96 22.29 -21.54
CA ASP C 54 -36.50 23.46 -22.27
C ASP C 54 -37.68 24.27 -22.79
N TYR C 55 -37.54 25.60 -22.75
CA TYR C 55 -38.58 26.53 -23.15
C TYR C 55 -38.09 27.33 -24.35
N VAL C 56 -38.85 27.32 -25.44
CA VAL C 56 -38.46 27.92 -26.71
C VAL C 56 -39.50 28.95 -27.12
N THR C 57 -39.05 30.11 -27.57
CA THR C 57 -39.96 31.13 -28.06
C THR C 57 -39.41 31.72 -29.36
N LEU C 58 -40.30 32.36 -30.11
CA LEU C 58 -39.89 33.24 -31.21
C LEU C 58 -39.74 34.63 -30.58
N GLN C 59 -38.50 35.02 -30.31
CA GLN C 59 -38.29 36.25 -29.57
C GLN C 59 -38.54 37.47 -30.44
N ARG C 60 -37.91 37.52 -31.61
CA ARG C 60 -38.16 38.61 -32.55
C ARG C 60 -37.75 38.21 -33.96
N GLY C 61 -38.39 38.85 -34.93
CA GLY C 61 -38.13 38.57 -36.34
C GLY C 61 -38.26 39.81 -37.20
N SER C 62 -37.43 39.87 -38.26
CA SER C 62 -37.42 41.02 -39.15
C SER C 62 -37.29 40.57 -40.60
N ALA C 63 -37.79 41.40 -41.51
CA ALA C 63 -37.83 41.13 -42.94
C ALA C 63 -36.77 41.95 -43.67
N TYR C 64 -36.18 41.36 -44.70
CA TYR C 64 -35.16 42.02 -45.51
C TYR C 64 -35.39 41.71 -46.98
N GLY C 65 -34.69 42.43 -47.83
CA GLY C 65 -34.79 42.20 -49.25
C GLY C 65 -36.21 42.39 -49.78
N GLY C 66 -36.61 41.45 -50.64
CA GLY C 66 -37.88 41.58 -51.31
C GLY C 66 -39.06 41.33 -50.39
N VAL C 67 -38.87 40.53 -49.34
CA VAL C 67 -39.94 40.37 -48.37
C VAL C 67 -40.22 41.70 -47.66
N LEU C 68 -39.16 42.47 -47.38
CA LEU C 68 -39.36 43.80 -46.81
C LEU C 68 -40.00 44.74 -47.82
N SER C 69 -39.55 44.70 -49.08
CA SER C 69 -40.00 45.73 -50.02
C SER C 69 -41.39 45.45 -50.57
N ASN C 70 -41.69 44.19 -50.89
CA ASN C 70 -42.80 43.85 -51.78
C ASN C 70 -43.82 42.90 -51.17
N PHE C 71 -43.76 42.64 -49.87
CA PHE C 71 -44.71 41.72 -49.24
C PHE C 71 -45.13 42.27 -47.89
N SER C 72 -46.40 42.11 -47.55
CA SER C 72 -46.87 42.25 -46.17
C SER C 72 -47.13 40.85 -45.63
N GLY C 73 -47.27 40.71 -44.32
CA GLY C 73 -47.50 39.37 -43.82
C GLY C 73 -47.55 39.30 -42.31
N THR C 74 -47.78 38.08 -41.84
CA THR C 74 -47.74 37.74 -40.43
C THR C 74 -46.94 36.45 -40.27
N VAL C 75 -46.60 36.13 -39.03
CA VAL C 75 -45.92 34.87 -38.71
C VAL C 75 -46.84 34.06 -37.81
N LYS C 76 -46.84 32.75 -38.03
CA LYS C 76 -47.66 31.84 -37.25
C LYS C 76 -46.72 31.00 -36.40
N TYR C 77 -46.90 31.09 -35.10
CA TYR C 77 -46.09 30.36 -34.11
C TYR C 77 -47.03 29.47 -33.31
N SER C 78 -46.79 28.17 -33.39
CA SER C 78 -47.51 27.17 -32.61
C SER C 78 -49.00 27.45 -32.61
N GLY C 79 -49.55 27.69 -33.79
CA GLY C 79 -50.98 27.79 -33.99
C GLY C 79 -51.56 29.18 -33.95
N SER C 80 -50.78 30.20 -33.58
CA SER C 80 -51.34 31.54 -33.43
C SER C 80 -50.62 32.54 -34.35
N SER C 81 -51.35 33.58 -34.75
CA SER C 81 -50.84 34.58 -35.67
C SER C 81 -50.28 35.77 -34.89
N TYR C 82 -49.18 36.32 -35.39
CA TYR C 82 -48.46 37.42 -34.77
C TYR C 82 -47.94 38.36 -35.86
N PRO C 83 -47.78 39.65 -35.53
CA PRO C 83 -47.31 40.60 -36.54
C PRO C 83 -45.93 40.23 -37.07
N PHE C 84 -45.66 40.66 -38.30
CA PHE C 84 -44.32 40.46 -38.86
C PHE C 84 -43.95 41.69 -39.68
N PRO C 85 -42.80 42.35 -39.40
CA PRO C 85 -41.79 41.99 -38.39
C PRO C 85 -42.33 41.95 -36.97
N THR C 86 -41.91 40.95 -36.19
CA THR C 86 -42.39 40.80 -34.82
C THR C 86 -41.51 41.68 -33.94
N THR C 87 -42.13 42.47 -33.07
CA THR C 87 -41.41 43.32 -32.14
C THR C 87 -41.59 42.89 -30.70
N SER C 88 -42.24 41.75 -30.46
CA SER C 88 -42.47 41.26 -29.11
C SER C 88 -42.38 39.75 -29.09
N GLU C 89 -42.03 39.22 -27.92
CA GLU C 89 -41.80 37.79 -27.74
C GLU C 89 -43.11 37.01 -27.66
N THR C 90 -43.06 35.78 -28.16
CA THR C 90 -44.22 34.90 -28.25
C THR C 90 -44.33 34.01 -27.01
N PRO C 91 -45.48 33.38 -26.80
CA PRO C 91 -45.57 32.35 -25.77
C PRO C 91 -44.57 31.22 -26.01
N ARG C 92 -44.45 30.36 -25.00
CA ARG C 92 -43.41 29.34 -24.99
C ARG C 92 -43.90 28.02 -25.56
N VAL C 93 -42.96 27.28 -26.14
CA VAL C 93 -43.14 25.90 -26.58
C VAL C 93 -42.21 25.04 -25.74
N VAL C 94 -42.71 23.88 -25.31
CA VAL C 94 -41.96 23.02 -24.38
C VAL C 94 -41.23 21.95 -25.16
N TYR C 95 -40.00 21.66 -24.75
CA TYR C 95 -39.19 20.58 -25.30
C TYR C 95 -38.67 19.72 -24.15
N ASN C 96 -39.08 18.45 -24.11
CA ASN C 96 -38.63 17.54 -23.06
C ASN C 96 -38.49 16.13 -23.62
N SER C 97 -37.92 16.03 -24.82
CA SER C 97 -37.65 14.74 -25.44
C SER C 97 -36.38 14.86 -26.27
N ARG C 98 -35.60 13.78 -26.30
CA ARG C 98 -34.41 13.74 -27.13
C ARG C 98 -34.75 13.61 -28.61
N THR C 99 -36.02 13.43 -28.94
CA THR C 99 -36.44 13.30 -30.33
C THR C 99 -36.52 14.67 -30.98
N ASP C 100 -35.88 14.80 -32.15
CA ASP C 100 -35.96 16.01 -32.96
C ASP C 100 -37.40 16.36 -33.25
N LYS C 101 -37.84 17.52 -32.79
CA LYS C 101 -39.20 17.98 -33.06
C LYS C 101 -39.16 19.38 -33.68
N PRO C 102 -40.16 19.71 -34.49
CA PRO C 102 -40.08 20.95 -35.29
C PRO C 102 -40.14 22.21 -34.44
N TRP C 103 -39.61 23.29 -35.03
CA TRP C 103 -39.81 24.63 -34.49
C TRP C 103 -41.05 25.21 -35.17
N PRO C 104 -42.18 25.32 -34.47
CA PRO C 104 -43.45 25.65 -35.17
C PRO C 104 -43.55 27.10 -35.60
N VAL C 105 -42.79 27.46 -36.63
CA VAL C 105 -42.79 28.80 -37.20
C VAL C 105 -43.11 28.70 -38.68
N ALA C 106 -44.02 29.56 -39.15
CA ALA C 106 -44.29 29.65 -40.58
C ALA C 106 -44.71 31.07 -40.92
N LEU C 107 -44.15 31.64 -41.98
CA LEU C 107 -44.51 32.99 -42.41
C LEU C 107 -45.55 32.92 -43.52
N TYR C 108 -46.61 33.72 -43.37
CA TYR C 108 -47.62 33.90 -44.41
C TYR C 108 -47.54 35.33 -44.91
N LEU C 109 -47.15 35.48 -46.18
CA LEU C 109 -46.88 36.76 -46.81
C LEU C 109 -47.72 36.92 -48.06
N THR C 110 -48.19 38.13 -48.33
CA THR C 110 -48.96 38.40 -49.54
C THR C 110 -48.33 39.58 -50.26
N PRO C 111 -48.19 39.49 -51.59
CA PRO C 111 -47.65 40.64 -52.35
C PRO C 111 -48.48 41.89 -52.11
N VAL C 112 -47.81 43.04 -52.19
CA VAL C 112 -48.49 44.32 -51.99
C VAL C 112 -49.04 44.80 -53.32
N SER C 113 -49.93 45.80 -53.28
CA SER C 113 -50.65 46.21 -54.48
C SER C 113 -49.70 46.51 -55.64
N SER C 114 -48.67 47.29 -55.38
CA SER C 114 -47.74 47.74 -56.43
C SER C 114 -46.74 46.68 -56.86
N ALA C 115 -46.82 45.47 -56.30
CA ALA C 115 -45.82 44.45 -56.60
C ALA C 115 -45.96 43.98 -58.05
N GLY C 116 -44.82 43.75 -58.69
CA GLY C 116 -44.79 43.29 -60.06
C GLY C 116 -43.38 42.97 -60.54
N GLY C 117 -43.22 41.84 -61.24
CA GLY C 117 -41.93 41.46 -61.74
C GLY C 117 -41.24 40.53 -60.76
N VAL C 118 -39.91 40.54 -60.71
CA VAL C 118 -39.21 39.82 -59.67
C VAL C 118 -39.35 40.60 -58.37
N ALA C 119 -40.01 39.99 -57.38
CA ALA C 119 -40.22 40.62 -56.08
C ALA C 119 -39.29 40.05 -55.02
N ILE C 120 -38.64 38.92 -55.30
CA ILE C 120 -37.65 38.32 -54.41
C ILE C 120 -36.57 37.76 -55.31
N LYS C 121 -35.36 38.29 -55.20
CA LYS C 121 -34.23 37.85 -56.01
C LYS C 121 -33.53 36.68 -55.33
N ALA C 122 -33.18 35.68 -56.12
CA ALA C 122 -32.61 34.45 -55.58
C ALA C 122 -31.29 34.75 -54.89
N GLY C 123 -31.04 34.06 -53.77
CA GLY C 123 -29.81 34.20 -53.03
C GLY C 123 -29.80 35.33 -52.01
N SER C 124 -30.84 36.16 -51.97
CA SER C 124 -30.85 37.32 -51.09
C SER C 124 -31.39 36.97 -49.71
N LEU C 125 -30.94 37.75 -48.72
CA LEU C 125 -31.47 37.59 -47.38
C LEU C 125 -32.89 38.14 -47.34
N ILE C 126 -33.82 37.31 -46.86
CA ILE C 126 -35.22 37.70 -46.79
C ILE C 126 -35.71 37.85 -45.36
N ALA C 127 -35.05 37.24 -44.37
CA ALA C 127 -35.51 37.47 -43.01
C ALA C 127 -34.46 37.04 -42.00
N VAL C 128 -34.66 37.50 -40.76
CA VAL C 128 -33.90 37.02 -39.61
C VAL C 128 -34.89 36.70 -38.49
N LEU C 129 -34.81 35.48 -37.97
CA LEU C 129 -35.68 35.02 -36.90
C LEU C 129 -34.83 34.55 -35.73
N ILE C 130 -35.16 34.99 -34.52
CA ILE C 130 -34.38 34.65 -33.33
C ILE C 130 -35.20 33.73 -32.44
N LEU C 131 -34.71 32.50 -32.27
CA LEU C 131 -35.27 31.53 -31.34
C LEU C 131 -34.55 31.68 -30.00
N ARG C 132 -35.31 31.79 -28.92
CA ARG C 132 -34.76 31.98 -27.59
C ARG C 132 -35.06 30.77 -26.72
N GLN C 133 -34.01 30.11 -26.24
CA GLN C 133 -34.16 28.97 -25.34
C GLN C 133 -33.81 29.37 -23.91
N THR C 134 -34.65 28.91 -22.97
CA THR C 134 -34.36 28.95 -21.55
C THR C 134 -34.68 27.57 -20.98
N ASN C 135 -34.68 27.42 -19.66
CA ASN C 135 -34.97 26.13 -19.06
C ASN C 135 -35.47 26.35 -17.63
N ASN C 136 -35.74 25.24 -16.94
CA ASN C 136 -36.23 25.24 -15.57
C ASN C 136 -35.18 24.75 -14.59
N TYR C 137 -33.91 24.73 -15.00
CA TYR C 137 -32.85 24.15 -14.19
C TYR C 137 -31.68 25.10 -13.97
N ASN C 138 -31.43 25.99 -14.93
CA ASN C 138 -30.21 26.78 -14.93
C ASN C 138 -30.59 28.21 -15.29
N SER C 139 -29.57 29.07 -15.42
CA SER C 139 -29.75 30.45 -15.83
C SER C 139 -29.55 30.61 -17.34
N ASP C 140 -29.57 29.51 -18.08
CA ASP C 140 -29.28 29.52 -19.50
C ASP C 140 -30.35 30.31 -20.26
N ASP C 141 -29.92 31.32 -21.02
CA ASP C 141 -30.79 32.11 -21.89
C ASP C 141 -30.05 32.30 -23.21
N PHE C 142 -30.30 31.40 -24.17
CA PHE C 142 -29.52 31.36 -25.40
C PHE C 142 -30.34 31.84 -26.60
N GLN C 143 -29.63 32.39 -27.59
CA GLN C 143 -30.22 32.82 -28.84
C GLN C 143 -29.70 31.95 -29.98
N PHE C 144 -30.63 31.35 -30.72
CA PHE C 144 -30.35 30.64 -31.96
C PHE C 144 -30.88 31.53 -33.09
N VAL C 145 -29.98 32.11 -33.87
CA VAL C 145 -30.31 33.08 -34.89
C VAL C 145 -30.38 32.38 -36.24
N TRP C 146 -31.46 32.59 -36.97
CA TRP C 146 -31.70 31.94 -38.25
C TRP C 146 -31.81 33.05 -39.30
N ASN C 147 -30.85 33.10 -40.21
CA ASN C 147 -30.88 34.03 -41.33
C ASN C 147 -31.47 33.30 -42.53
N ILE C 148 -32.63 33.76 -42.98
CA ILE C 148 -33.40 33.07 -44.00
C ILE C 148 -33.12 33.72 -45.35
N TYR C 149 -32.60 32.89 -46.26
CA TYR C 149 -32.22 33.27 -47.62
C TYR C 149 -33.12 32.54 -48.60
N ALA C 150 -33.40 33.22 -49.71
CA ALA C 150 -34.24 32.65 -50.77
C ALA C 150 -33.38 31.82 -51.71
N ASN C 151 -33.83 30.60 -52.03
CA ASN C 151 -33.14 29.72 -52.94
C ASN C 151 -33.42 30.02 -54.41
N ASN C 152 -34.39 30.88 -54.71
CA ASN C 152 -34.77 31.13 -56.09
C ASN C 152 -35.54 32.43 -56.18
N ASP C 153 -35.63 32.95 -57.41
CA ASP C 153 -36.44 34.13 -57.65
C ASP C 153 -37.90 33.82 -57.34
N VAL C 154 -38.67 34.88 -57.09
CA VAL C 154 -40.12 34.78 -56.95
C VAL C 154 -40.69 35.94 -57.76
N VAL C 155 -41.63 35.63 -58.64
CA VAL C 155 -42.20 36.60 -59.56
C VAL C 155 -43.66 36.83 -59.20
N VAL C 156 -44.04 38.09 -59.09
CA VAL C 156 -45.44 38.49 -58.95
C VAL C 156 -45.91 38.99 -60.30
N PRO C 157 -46.70 38.22 -61.05
CA PRO C 157 -47.12 38.66 -62.38
C PRO C 157 -48.14 39.79 -62.29
N THR C 158 -48.06 40.70 -63.24
CA THR C 158 -49.02 41.80 -63.33
C THR C 158 -49.69 41.77 -64.71
N PHE D 1 22.53 -32.64 30.11
CA PHE D 1 23.63 -33.63 30.24
C PHE D 1 24.95 -33.07 29.71
N ALA D 2 25.97 -33.04 30.55
CA ALA D 2 27.28 -32.59 30.10
C ALA D 2 28.37 -33.42 30.74
N CYS D 3 29.60 -33.24 30.25
CA CYS D 3 30.75 -33.99 30.72
C CYS D 3 31.92 -33.04 30.94
N LYS D 4 32.68 -33.30 32.00
CA LYS D 4 33.85 -32.51 32.37
C LYS D 4 35.03 -33.46 32.58
N THR D 5 36.24 -32.93 32.41
CA THR D 5 37.46 -33.68 32.67
C THR D 5 38.07 -33.23 34.00
N ALA D 6 39.16 -33.91 34.40
CA ALA D 6 39.80 -33.61 35.67
C ALA D 6 40.40 -32.21 35.68
N ASN D 7 41.20 -31.87 34.67
CA ASN D 7 41.89 -30.59 34.64
C ASN D 7 40.98 -29.42 34.24
N GLY D 8 39.67 -29.64 34.12
CA GLY D 8 38.70 -28.58 33.91
C GLY D 8 38.08 -28.56 32.53
N THR D 9 38.82 -29.00 31.51
CA THR D 9 38.26 -29.00 30.15
C THR D 9 36.89 -29.65 30.14
N ALA D 10 35.97 -29.05 29.40
CA ALA D 10 34.57 -29.49 29.42
C ALA D 10 34.01 -29.56 28.01
N ILE D 11 33.02 -30.42 27.85
CA ILE D 11 32.22 -30.51 26.63
C ILE D 11 30.78 -30.22 27.04
N PRO D 12 30.13 -29.21 26.47
CA PRO D 12 28.87 -28.72 27.03
C PRO D 12 27.64 -29.48 26.58
N ILE D 13 26.48 -29.03 27.06
CA ILE D 13 25.20 -29.56 26.58
C ILE D 13 25.20 -29.55 25.06
N GLY D 14 24.67 -30.64 24.49
CA GLY D 14 24.61 -30.79 23.05
C GLY D 14 25.76 -31.57 22.45
N GLY D 15 26.87 -31.67 23.16
CA GLY D 15 28.02 -32.43 22.72
C GLY D 15 29.15 -31.52 22.26
N GLY D 16 30.14 -32.14 21.64
CA GLY D 16 31.33 -31.43 21.21
C GLY D 16 32.53 -32.34 21.29
N SER D 17 33.71 -31.74 21.38
CA SER D 17 34.94 -32.51 21.47
C SER D 17 35.91 -31.85 22.43
N ALA D 18 36.85 -32.66 22.94
CA ALA D 18 37.88 -32.17 23.84
C ALA D 18 39.11 -33.06 23.71
N ASN D 19 40.23 -32.55 24.21
CA ASN D 19 41.49 -33.27 24.24
C ASN D 19 41.79 -33.63 25.70
N VAL D 20 42.01 -34.92 25.95
CA VAL D 20 42.34 -35.42 27.27
C VAL D 20 43.75 -35.96 27.22
N TYR D 21 44.60 -35.48 28.12
CA TYR D 21 45.98 -35.93 28.24
C TYR D 21 46.07 -36.87 29.43
N VAL D 22 46.54 -38.09 29.18
CA VAL D 22 46.52 -39.14 30.18
C VAL D 22 47.94 -39.50 30.55
N ASN D 23 48.19 -39.70 31.83
CA ASN D 23 49.46 -40.21 32.30
C ASN D 23 49.50 -41.72 32.13
N LEU D 24 50.64 -42.22 31.66
CA LEU D 24 50.78 -43.62 31.33
C LEU D 24 51.98 -44.22 32.06
N ALA D 25 51.95 -45.53 32.22
CA ALA D 25 53.06 -46.26 32.80
C ALA D 25 54.32 -46.04 31.98
N PRO D 26 55.41 -45.51 32.56
CA PRO D 26 56.61 -45.25 31.75
C PRO D 26 57.13 -46.50 31.05
N VAL D 27 56.86 -47.68 31.59
CA VAL D 27 57.43 -48.92 31.08
C VAL D 27 56.40 -50.04 31.19
N VAL D 28 56.26 -50.83 30.13
CA VAL D 28 55.33 -51.96 30.08
C VAL D 28 56.01 -53.04 29.25
N ASN D 29 56.16 -54.23 29.83
CA ASN D 29 56.86 -55.32 29.17
C ASN D 29 55.92 -56.10 28.27
N VAL D 30 56.50 -56.75 27.25
CA VAL D 30 55.73 -57.66 26.42
C VAL D 30 55.10 -58.72 27.33
N GLY D 31 53.79 -58.88 27.20
CA GLY D 31 53.03 -59.79 28.03
C GLY D 31 52.35 -59.14 29.22
N GLN D 32 52.84 -57.98 29.65
CA GLN D 32 52.16 -57.19 30.68
C GLN D 32 51.09 -56.31 30.05
N ASN D 33 50.27 -55.70 30.90
CA ASN D 33 49.19 -54.84 30.46
C ASN D 33 49.46 -53.38 30.83
N LEU D 34 49.15 -52.50 29.88
CA LEU D 34 49.06 -51.06 30.08
C LEU D 34 47.59 -50.68 30.14
N VAL D 35 47.20 -50.00 31.21
CA VAL D 35 45.81 -49.66 31.45
C VAL D 35 45.66 -48.16 31.35
N VAL D 36 44.68 -47.72 30.58
CA VAL D 36 44.34 -46.31 30.45
C VAL D 36 42.93 -46.18 31.01
N ASP D 37 42.83 -45.78 32.28
CA ASP D 37 41.54 -45.72 32.96
C ASP D 37 41.01 -44.30 32.83
N LEU D 38 40.17 -44.09 31.80
CA LEU D 38 39.53 -42.79 31.64
C LEU D 38 38.47 -42.55 32.69
N SER D 39 38.09 -43.59 33.45
CA SER D 39 37.13 -43.43 34.54
C SER D 39 37.67 -42.53 35.65
N THR D 40 38.97 -42.23 35.64
CA THR D 40 39.57 -41.30 36.59
C THR D 40 39.85 -39.95 35.94
N GLN D 41 39.26 -39.68 34.77
CA GLN D 41 39.48 -38.45 34.03
C GLN D 41 38.18 -37.83 33.54
N ILE D 42 37.23 -38.63 33.05
CA ILE D 42 36.01 -38.15 32.43
C ILE D 42 34.86 -38.39 33.39
N PHE D 43 34.01 -37.38 33.56
CA PHE D 43 32.89 -37.43 34.48
C PHE D 43 31.71 -36.74 33.82
N CYS D 44 30.52 -37.28 33.96
CA CYS D 44 29.36 -36.73 33.29
C CYS D 44 28.20 -36.61 34.28
N HIS D 45 27.31 -35.66 34.02
CA HIS D 45 26.16 -35.48 34.86
C HIS D 45 24.91 -35.19 34.04
N ASN D 46 23.78 -35.42 34.69
CA ASN D 46 22.44 -35.21 34.17
C ASN D 46 21.90 -33.93 34.81
N ASP D 47 21.61 -32.92 33.98
CA ASP D 47 21.24 -31.62 34.51
C ASP D 47 19.78 -31.50 34.92
N TYR D 48 18.92 -32.49 34.60
CA TYR D 48 17.54 -32.52 35.08
C TYR D 48 17.09 -33.95 35.30
N PRO D 49 17.55 -34.59 36.38
CA PRO D 49 17.22 -36.01 36.59
C PRO D 49 15.79 -36.28 37.02
N GLU D 50 15.04 -35.27 37.48
CA GLU D 50 13.72 -35.54 38.04
C GLU D 50 12.77 -36.10 37.00
N THR D 51 12.84 -35.58 35.76
CA THR D 51 11.97 -36.03 34.68
C THR D 51 12.67 -36.83 33.60
N ILE D 52 13.99 -36.74 33.49
CA ILE D 52 14.71 -37.34 32.37
C ILE D 52 15.71 -38.36 32.89
N THR D 53 15.99 -39.33 32.04
CA THR D 53 17.04 -40.31 32.24
C THR D 53 17.95 -40.25 31.02
N ASP D 54 19.25 -40.13 31.26
CA ASP D 54 20.22 -40.05 30.17
C ASP D 54 20.81 -41.43 29.93
N TYR D 55 20.97 -41.77 28.66
CA TYR D 55 21.52 -43.06 28.25
C TYR D 55 22.82 -42.78 27.52
N VAL D 56 23.92 -43.36 27.99
CA VAL D 56 25.25 -43.05 27.51
C VAL D 56 25.90 -44.33 27.01
N THR D 57 26.52 -44.28 25.83
CA THR D 57 27.20 -45.44 25.30
C THR D 57 28.57 -45.07 24.76
N LEU D 58 29.42 -46.07 24.61
CA LEU D 58 30.67 -45.95 23.84
C LEU D 58 30.35 -46.31 22.40
N GLN D 59 30.19 -45.30 21.55
CA GLN D 59 29.72 -45.55 20.20
C GLN D 59 30.81 -46.13 19.29
N ARG D 60 31.98 -45.51 19.28
CA ARG D 60 33.11 -46.03 18.53
C ARG D 60 34.42 -45.66 19.21
N GLY D 61 35.45 -46.44 18.93
CA GLY D 61 36.77 -46.18 19.45
C GLY D 61 37.85 -46.54 18.47
N SER D 62 38.89 -45.72 18.39
CA SER D 62 39.95 -45.94 17.42
C SER D 62 41.31 -45.63 18.03
N ALA D 63 42.33 -46.30 17.49
CA ALA D 63 43.71 -46.18 17.95
C ALA D 63 44.53 -45.40 16.93
N TYR D 64 45.45 -44.59 17.43
CA TYR D 64 46.37 -43.83 16.59
C TYR D 64 47.75 -43.87 17.22
N GLY D 65 48.74 -43.43 16.44
CA GLY D 65 50.10 -43.39 16.95
C GLY D 65 50.61 -44.75 17.40
N GLY D 66 51.28 -44.74 18.55
CA GLY D 66 51.97 -45.93 19.01
C GLY D 66 51.03 -47.01 19.52
N VAL D 67 49.85 -46.63 20.01
CA VAL D 67 48.87 -47.64 20.39
C VAL D 67 48.44 -48.42 19.15
N LEU D 68 48.31 -47.72 18.02
CA LEU D 68 48.01 -48.40 16.77
C LEU D 68 49.17 -49.26 16.31
N SER D 69 50.41 -48.76 16.44
CA SER D 69 51.54 -49.44 15.84
C SER D 69 52.00 -50.64 16.67
N ASN D 70 52.04 -50.50 17.99
CA ASN D 70 52.80 -51.39 18.86
C ASN D 70 51.97 -52.04 19.97
N PHE D 71 50.64 -51.92 19.93
CA PHE D 71 49.81 -52.48 20.99
C PHE D 71 48.58 -53.15 20.41
N SER D 72 48.20 -54.27 21.00
CA SER D 72 46.87 -54.86 20.86
C SER D 72 46.09 -54.55 22.13
N GLY D 73 44.78 -54.75 22.09
CA GLY D 73 44.04 -54.47 23.30
C GLY D 73 42.55 -54.64 23.15
N THR D 74 41.87 -54.45 24.28
CA THR D 74 40.42 -54.44 24.39
C THR D 74 40.02 -53.25 25.25
N VAL D 75 38.73 -52.94 25.25
CA VAL D 75 38.20 -51.88 26.10
C VAL D 75 37.21 -52.49 27.08
N LYS D 76 37.18 -51.96 28.29
CA LYS D 76 36.28 -52.40 29.34
C LYS D 76 35.32 -51.25 29.61
N TYR D 77 34.03 -51.50 29.42
CA TYR D 77 32.96 -50.52 29.62
C TYR D 77 32.01 -51.09 30.68
N SER D 78 31.87 -50.36 31.78
CA SER D 78 30.93 -50.71 32.84
C SER D 78 31.02 -52.19 33.22
N GLY D 79 32.26 -52.66 33.39
CA GLY D 79 32.51 -53.97 33.91
C GLY D 79 32.67 -55.07 32.88
N SER D 80 32.40 -54.80 31.60
CA SER D 80 32.40 -55.83 30.58
C SER D 80 33.39 -55.50 29.47
N SER D 81 33.89 -56.54 28.81
CA SER D 81 34.90 -56.38 27.77
C SER D 81 34.27 -56.28 26.39
N TYR D 82 34.86 -55.43 25.55
CA TYR D 82 34.45 -55.17 24.18
C TYR D 82 35.71 -55.02 23.35
N PRO D 83 35.63 -55.32 22.05
CA PRO D 83 36.83 -55.24 21.21
C PRO D 83 37.40 -53.84 21.16
N PHE D 84 38.69 -53.75 20.87
CA PHE D 84 39.30 -52.45 20.61
C PHE D 84 40.31 -52.58 19.47
N PRO D 85 40.19 -51.77 18.40
CA PRO D 85 39.19 -50.71 18.19
C PRO D 85 37.75 -51.18 18.16
N THR D 86 36.83 -50.41 18.75
CA THR D 86 35.43 -50.80 18.80
C THR D 86 34.80 -50.34 17.48
N THR D 87 34.10 -51.24 16.80
CA THR D 87 33.44 -50.93 15.54
C THR D 87 31.92 -51.00 15.63
N SER D 88 31.37 -51.21 16.82
CA SER D 88 29.93 -51.31 16.99
C SER D 88 29.58 -50.68 18.33
N GLU D 89 28.33 -50.23 18.44
CA GLU D 89 27.93 -49.49 19.62
C GLU D 89 27.76 -50.42 20.82
N THR D 90 28.03 -49.88 21.98
CA THR D 90 28.06 -50.59 23.25
C THR D 90 26.68 -50.54 23.90
N PRO D 91 26.38 -51.47 24.82
CA PRO D 91 25.18 -51.29 25.65
C PRO D 91 25.28 -50.00 26.44
N ARG D 92 24.15 -49.58 26.99
CA ARG D 92 24.07 -48.26 27.60
C ARG D 92 24.30 -48.31 29.11
N VAL D 93 24.82 -47.19 29.62
CA VAL D 93 24.93 -46.91 31.04
C VAL D 93 24.00 -45.73 31.33
N VAL D 94 23.31 -45.79 32.46
CA VAL D 94 22.27 -44.82 32.79
C VAL D 94 22.85 -43.73 33.67
N TYR D 95 22.42 -42.49 33.41
CA TYR D 95 22.75 -41.33 34.22
C TYR D 95 21.45 -40.67 34.66
N ASN D 96 21.22 -40.62 35.97
CA ASN D 96 20.00 -40.06 36.54
C ASN D 96 20.31 -39.35 37.84
N SER D 97 21.44 -38.64 37.88
CA SER D 97 21.84 -37.86 39.03
C SER D 97 22.64 -36.65 38.57
N ARG D 98 22.45 -35.53 39.26
CA ARG D 98 23.24 -34.33 38.99
C ARG D 98 24.68 -34.44 39.47
N THR D 99 25.03 -35.51 40.17
CA THR D 99 26.38 -35.68 40.68
C THR D 99 27.32 -36.14 39.56
N ASP D 100 28.45 -35.43 39.43
CA ASP D 100 29.48 -35.87 38.50
C ASP D 100 29.87 -37.31 38.82
N LYS D 101 29.65 -38.20 37.86
CA LYS D 101 29.99 -39.61 38.01
C LYS D 101 30.89 -40.02 36.84
N PRO D 102 31.79 -40.97 37.05
CA PRO D 102 32.76 -41.28 36.00
C PRO D 102 32.12 -41.92 34.78
N TRP D 103 32.83 -41.80 33.67
CA TRP D 103 32.50 -42.52 32.44
C TRP D 103 33.21 -43.86 32.51
N PRO D 104 32.51 -44.98 32.71
CA PRO D 104 33.20 -46.24 33.02
C PRO D 104 33.90 -46.83 31.81
N VAL D 105 35.01 -46.21 31.42
CA VAL D 105 35.80 -46.64 30.27
C VAL D 105 37.23 -46.90 30.71
N ALA D 106 37.80 -48.01 30.24
CA ALA D 106 39.21 -48.30 30.47
C ALA D 106 39.77 -49.12 29.33
N LEU D 107 40.96 -48.75 28.86
CA LEU D 107 41.64 -49.50 27.82
C LEU D 107 42.65 -50.45 28.45
N TYR D 108 42.61 -51.72 28.05
CA TYR D 108 43.61 -52.70 28.48
C TYR D 108 44.39 -53.10 27.23
N LEU D 109 45.68 -52.74 27.20
CA LEU D 109 46.52 -52.88 26.02
C LEU D 109 47.76 -53.68 26.37
N THR D 110 48.22 -54.50 25.44
CA THR D 110 49.45 -55.26 25.63
C THR D 110 50.39 -55.02 24.46
N PRO D 111 51.68 -54.76 24.73
CA PRO D 111 52.64 -54.61 23.63
C PRO D 111 52.65 -55.86 22.75
N VAL D 112 52.94 -55.64 21.47
CA VAL D 112 53.00 -56.75 20.52
C VAL D 112 54.40 -57.33 20.53
N SER D 113 54.56 -58.52 19.93
CA SER D 113 55.83 -59.25 20.01
C SER D 113 57.00 -58.38 19.55
N SER D 114 56.84 -57.72 18.41
CA SER D 114 57.92 -56.93 17.83
C SER D 114 58.13 -55.59 18.53
N ALA D 115 57.35 -55.29 19.57
CA ALA D 115 57.45 -54.00 20.21
C ALA D 115 58.78 -53.89 20.97
N GLY D 116 59.40 -52.71 20.88
CA GLY D 116 60.66 -52.47 21.55
C GLY D 116 61.10 -51.04 21.42
N GLY D 117 61.60 -50.46 22.51
CA GLY D 117 62.05 -49.08 22.49
C GLY D 117 60.94 -48.16 22.94
N VAL D 118 60.92 -46.93 22.46
CA VAL D 118 59.79 -46.03 22.71
C VAL D 118 58.65 -46.48 21.82
N ALA D 119 57.54 -46.90 22.44
CA ALA D 119 56.36 -47.35 21.73
C ALA D 119 55.24 -46.33 21.73
N ILE D 120 55.34 -45.29 22.56
CA ILE D 120 54.36 -44.21 22.59
C ILE D 120 55.14 -42.92 22.80
N LYS D 121 55.08 -42.00 21.84
CA LYS D 121 55.76 -40.72 21.96
C LYS D 121 54.86 -39.73 22.67
N ALA D 122 55.43 -38.99 23.61
CA ALA D 122 54.64 -38.07 24.43
C ALA D 122 54.02 -36.98 23.56
N GLY D 123 52.79 -36.61 23.90
CA GLY D 123 52.08 -35.57 23.19
C GLY D 123 51.32 -36.01 21.97
N SER D 124 51.48 -37.25 21.54
CA SER D 124 50.86 -37.73 20.31
C SER D 124 49.46 -38.25 20.59
N LEU D 125 48.61 -38.20 19.57
CA LEU D 125 47.27 -38.75 19.69
C LEU D 125 47.35 -40.27 19.68
N ILE D 126 46.79 -40.89 20.71
CA ILE D 126 46.79 -42.34 20.83
C ILE D 126 45.40 -42.94 20.69
N ALA D 127 44.34 -42.17 20.87
CA ALA D 127 43.03 -42.76 20.62
C ALA D 127 41.96 -41.69 20.46
N VAL D 128 40.82 -42.10 19.91
CA VAL D 128 39.62 -41.28 19.87
C VAL D 128 38.46 -42.14 20.32
N LEU D 129 37.72 -41.66 21.33
CA LEU D 129 36.58 -42.38 21.88
C LEU D 129 35.35 -41.50 21.79
N ILE D 130 34.25 -42.07 21.32
CA ILE D 130 33.01 -41.33 21.07
C ILE D 130 31.95 -41.76 22.07
N LEU D 131 31.54 -40.84 22.93
CA LEU D 131 30.42 -41.05 23.85
C LEU D 131 29.14 -40.57 23.18
N ARG D 132 28.11 -41.41 23.16
CA ARG D 132 26.85 -41.07 22.52
C ARG D 132 25.76 -41.02 23.60
N GLN D 133 25.16 -39.84 23.77
CA GLN D 133 24.11 -39.61 24.74
C GLN D 133 22.74 -39.49 24.06
N THR D 134 21.74 -40.16 24.65
CA THR D 134 20.33 -40.00 24.33
C THR D 134 19.54 -39.86 25.65
N ASN D 135 18.22 -39.87 25.57
CA ASN D 135 17.41 -39.75 26.78
C ASN D 135 16.04 -40.38 26.52
N ASN D 136 15.16 -40.28 27.54
CA ASN D 136 13.82 -40.84 27.49
C ASN D 136 12.73 -39.78 27.37
N TYR D 137 13.09 -38.57 26.94
CA TYR D 137 12.14 -37.46 26.88
C TYR D 137 12.01 -36.86 25.50
N ASN D 138 13.09 -36.80 24.73
CA ASN D 138 13.08 -36.18 23.40
C ASN D 138 14.03 -36.98 22.52
N SER D 139 14.27 -36.46 21.32
CA SER D 139 15.09 -37.12 20.30
C SER D 139 16.56 -36.69 20.33
N ASP D 140 17.04 -36.16 21.46
CA ASP D 140 18.43 -35.71 21.51
C ASP D 140 19.38 -36.88 21.31
N ASP D 141 20.29 -36.75 20.34
CA ASP D 141 21.32 -37.76 20.07
C ASP D 141 22.65 -37.03 19.86
N PHE D 142 23.43 -36.90 20.94
CA PHE D 142 24.63 -36.08 20.93
C PHE D 142 25.90 -36.92 21.03
N GLN D 143 26.99 -36.39 20.47
CA GLN D 143 28.30 -37.03 20.53
C GLN D 143 29.26 -36.15 21.31
N PHE D 144 29.88 -36.74 22.33
CA PHE D 144 30.98 -36.15 23.08
C PHE D 144 32.24 -36.90 22.65
N VAL D 145 33.11 -36.24 21.90
CA VAL D 145 34.27 -36.88 21.30
C VAL D 145 35.48 -36.55 22.17
N TRP D 146 36.23 -37.58 22.53
CA TRP D 146 37.35 -37.48 23.46
C TRP D 146 38.59 -37.92 22.70
N ASN D 147 39.51 -36.99 22.46
CA ASN D 147 40.78 -37.30 21.81
C ASN D 147 41.83 -37.51 22.89
N ILE D 148 42.36 -38.74 22.97
CA ILE D 148 43.24 -39.15 24.03
C ILE D 148 44.68 -39.04 23.55
N TYR D 149 45.45 -38.22 24.27
CA TYR D 149 46.85 -37.93 24.00
C TYR D 149 47.69 -38.45 25.17
N ALA D 150 48.90 -38.90 24.85
CA ALA D 150 49.82 -39.41 25.86
C ALA D 150 50.60 -38.26 26.49
N ASN D 151 50.66 -38.25 27.83
CA ASN D 151 51.44 -37.25 28.55
C ASN D 151 52.92 -37.57 28.64
N ASN D 152 53.36 -38.76 28.24
CA ASN D 152 54.75 -39.13 28.42
C ASN D 152 55.10 -40.30 27.52
N ASP D 153 56.39 -40.48 27.32
CA ASP D 153 56.85 -41.64 26.57
C ASP D 153 56.47 -42.91 27.33
N VAL D 154 56.41 -44.01 26.59
CA VAL D 154 56.21 -45.35 27.14
C VAL D 154 57.21 -46.26 26.46
N VAL D 155 57.96 -47.02 27.26
CA VAL D 155 59.04 -47.85 26.76
C VAL D 155 58.68 -49.31 26.95
N VAL D 156 58.84 -50.09 25.88
CA VAL D 156 58.79 -51.55 25.96
C VAL D 156 60.24 -52.04 25.95
N PRO D 157 60.79 -52.47 27.07
CA PRO D 157 62.21 -52.83 27.11
C PRO D 157 62.52 -54.09 26.32
N THR D 158 63.71 -54.11 25.74
CA THR D 158 64.20 -55.24 24.97
C THR D 158 65.49 -55.76 25.59
C1 NAG E . -24.48 15.62 -10.49
C2 NAG E . -24.73 14.26 -11.13
C3 NAG E . -24.94 14.42 -12.64
C4 NAG E . -26.03 15.44 -12.92
C5 NAG E . -25.74 16.74 -12.19
C6 NAG E . -26.87 17.74 -12.30
C7 NAG E . -23.83 12.01 -10.71
C8 NAG E . -22.60 11.21 -10.42
N2 NAG E . -23.65 13.33 -10.85
O1 NAG E . -24.34 15.46 -9.12
O3 NAG E . -25.29 13.15 -13.20
O4 NAG E . -26.10 15.69 -14.32
O5 NAG E . -25.55 16.50 -10.78
O6 NAG E . -27.25 18.25 -11.04
O7 NAG E . -24.94 11.51 -10.81
H1 NAG E . -23.65 15.99 -10.86
H2 NAG E . -25.55 13.90 -10.76
H3 NAG E . -24.10 14.73 -13.04
H4 NAG E . -26.88 15.08 -12.61
H5 NAG E . -24.92 17.14 -12.55
H61 NAG E . -27.63 17.32 -12.73
H62 NAG E . -26.58 18.49 -12.86
H81 NAG E . -22.26 11.42 -9.54
H82 NAG E . -21.91 11.42 -11.09
H83 NAG E . -22.82 10.26 -10.48
HN2 NAG E . -22.80 13.67 -10.78
HO1 NAG E . -25.07 15.75 -8.71
HO3 NAG E . -25.00 13.12 -14.04
HO6 NAG E . -26.57 18.68 -10.66
C1 NAG E . -25.87 15.29 -15.54
C2 NAG E . -25.80 16.25 -16.71
C3 NAG E . -26.06 15.48 -18.00
C4 NAG E . -25.08 14.33 -18.13
C5 NAG E . -25.09 13.46 -16.87
C6 NAG E . -23.98 12.43 -16.86
C7 NAG E . -26.37 18.57 -16.16
C8 NAG E . -27.44 19.58 -16.05
N2 NAG E . -26.74 17.35 -16.55
O3 NAG E . -25.91 16.37 -19.10
O4 NAG E . -25.43 13.53 -19.26
O5 NAG E . -24.91 14.26 -15.69
O6 NAG E . -23.77 11.89 -18.15
O7 NAG E . -25.19 18.83 -15.91
H2 NAG E . -24.90 16.62 -16.75
H3 NAG E . -26.98 15.14 -17.99
H4 NAG E . -24.19 14.69 -18.24
H5 NAG E . -25.96 13.02 -16.81
H61 NAG E . -24.21 11.72 -16.25
H62 NAG E . -23.15 12.86 -16.56
H81 NAG E . -27.53 19.88 -15.12
H82 NAG E . -28.29 19.19 -16.34
H83 NAG E . -27.23 20.35 -16.61
HN2 NAG E . -27.62 17.20 -16.73
HO3 NAG E . -26.24 16.00 -19.84
HO6 NAG E . -24.44 11.37 -18.36
C1 BMA E . -24.91 13.89 -20.64
C2 BMA E . -25.32 12.87 -21.71
C3 BMA E . -24.58 13.17 -23.01
C4 BMA E . -24.80 14.63 -23.41
C5 BMA E . -24.34 15.53 -22.27
C6 BMA E . -24.53 17.00 -22.58
O2 BMA E . -26.71 12.97 -21.98
O3 BMA E . -24.99 12.33 -24.08
O4 BMA E . -24.07 14.93 -24.59
O5 BMA E . -25.11 15.21 -21.10
O6 BMA E . -23.92 17.75 -21.55
H1 BMA E . -23.86 13.75 -20.35
H2 BMA E . -25.06 11.86 -21.37
H3 BMA E . -23.51 12.99 -22.88
H4 BMA E . -25.88 14.80 -23.57
H5 BMA E . -23.28 15.34 -22.04
H61 BMA E . -24.07 17.19 -23.56
H62 BMA E . -25.60 17.19 -22.66
HO2 BMA E . -26.96 13.88 -21.77
HO4 BMA E . -23.19 15.23 -24.29
C1 MAN E . -24.79 10.94 -24.02
C2 MAN E . -25.19 10.57 -25.47
C3 MAN E . -26.70 10.44 -25.57
C4 MAN E . -27.23 9.47 -24.51
C5 MAN E . -26.84 10.00 -23.13
C6 MAN E . -27.28 9.09 -21.99
O2 MAN E . -24.66 9.29 -25.84
O3 MAN E . -27.10 10.03 -26.87
O4 MAN E . -28.63 9.37 -24.59
O5 MAN E . -25.40 10.11 -23.06
O6 MAN E . -28.35 8.29 -22.47
H2 MAN E . -24.83 11.35 -26.15
H3 MAN E . -27.17 11.42 -25.42
H4 MAN E . -26.75 8.48 -24.66
H5 MAN E . -27.30 10.99 -22.99
H61 MAN E . -27.60 9.73 -21.15
H62 MAN E . -26.42 8.49 -21.68
HO3 MAN E . -27.99 9.63 -26.76
C1 MAN E . -23.56 9.44 -26.68
C2 MAN E . -23.30 7.99 -27.08
C3 MAN E . -22.81 7.22 -25.85
C4 MAN E . -21.59 7.91 -25.24
C5 MAN E . -21.93 9.36 -24.89
C6 MAN E . -20.72 10.15 -24.44
O2 MAN E . -22.25 7.89 -28.04
O3 MAN E . -22.52 5.86 -26.16
O4 MAN E . -21.20 7.22 -24.06
O5 MAN E . -22.44 10.04 -26.07
O6 MAN E . -20.88 11.50 -24.86
H2 MAN E . -24.22 7.54 -27.47
H3 MAN E . -23.62 7.19 -25.10
H4 MAN E . -20.78 7.91 -25.99
H5 MAN E . -22.69 9.36 -24.10
H61 MAN E . -19.82 9.69 -24.89
H62 MAN E . -20.64 10.08 -23.34
HO2 MAN E . -21.61 7.23 -27.74
HO3 MAN E . -21.57 5.77 -26.05
HO4 MAN E . -21.86 7.48 -23.39
HO6 MAN E . -20.96 11.50 -25.82
C1 MAN E . -23.97 19.05 -22.07
C2 MAN E . -22.96 19.89 -21.30
C3 MAN E . -23.32 19.90 -19.82
C4 MAN E . -24.78 20.35 -19.63
C5 MAN E . -25.69 19.40 -20.43
C6 MAN E . -27.13 19.82 -20.37
O2 MAN E . -23.00 21.26 -21.73
O3 MAN E . -22.47 20.74 -19.06
O4 MAN E . -25.12 20.30 -18.26
O5 MAN E . -25.30 19.42 -21.82
O6 MAN E . -27.22 21.17 -20.84
H1 MAN E . -23.85 19.22 -23.16
H2 MAN E . -21.95 19.48 -21.42
H3 MAN E . -23.20 18.89 -19.42
H4 MAN E . -24.89 21.36 -20.04
H5 MAN E . -25.58 18.39 -20.01
H61 MAN E . -27.71 19.13 -21.00
HO2 MAN E . -23.20 21.27 -22.68
HO4 MAN E . -24.66 21.06 -17.85
C1 MAN E . -21.56 20.11 -18.22
C2 MAN E . -21.06 21.26 -17.32
C3 MAN E . -20.51 22.37 -18.20
C4 MAN E . -19.41 21.82 -19.11
C5 MAN E . -19.99 20.68 -19.98
C6 MAN E . -18.96 19.99 -20.84
O2 MAN E . -19.96 20.82 -16.51
O3 MAN E . -20.03 23.45 -17.42
O4 MAN E . -18.92 22.85 -19.97
O5 MAN E . -20.57 19.67 -19.12
O6 MAN E . -17.82 19.69 -20.04
H1 MAN E . -21.78 19.23 -17.61
H2 MAN E . -21.88 21.62 -16.70
H3 MAN E . -21.31 22.79 -18.83
H4 MAN E . -18.60 21.40 -18.49
H5 MAN E . -20.77 21.11 -20.63
H61 MAN E . -18.70 20.66 -21.68
H62 MAN E . -19.41 19.07 -21.26
HO2 MAN E . -19.96 21.32 -15.68
HO3 MAN E . -20.82 23.81 -16.96
HO4 MAN E . -18.12 23.19 -19.52
HO6 MAN E . -17.04 19.95 -20.55
C1 MAN E . -27.44 21.79 -22.17
C2 MAN E . -27.79 23.23 -22.49
C3 MAN E . -28.95 23.64 -21.61
C4 MAN E . -30.15 22.69 -21.84
C5 MAN E . -29.74 21.20 -21.74
C6 MAN E . -30.76 20.22 -22.33
O2 MAN E . -28.24 23.37 -23.85
O3 MAN E . -29.32 24.99 -21.83
O4 MAN E . -31.13 23.01 -20.87
O5 MAN E . -28.50 20.94 -22.46
O6 MAN E . -31.44 20.84 -23.41
H1 MAN E . -26.61 21.44 -22.80
H2 MAN E . -26.93 23.89 -22.33
H3 MAN E . -28.65 23.57 -20.55
H4 MAN E . -30.51 22.83 -22.88
H5 MAN E . -29.60 21.00 -20.67
H61 MAN E . -31.47 19.93 -21.53
H62 MAN E . -30.23 19.31 -22.66
HO2 MAN E . -28.30 24.30 -24.08
HO3 MAN E . -29.43 25.38 -20.95
HO4 MAN E . -31.73 23.64 -21.28
HO6 MAN E . -32.30 20.43 -23.49
C1 NAG F . 6.86 -26.97 31.33
C2 NAG F . 7.37 -26.73 32.76
C3 NAG F . 8.89 -26.67 32.76
C4 NAG F . 9.47 -27.92 32.11
C5 NAG F . 8.87 -28.13 30.72
C6 NAG F . 9.30 -29.43 30.09
C7 NAG F . 6.58 -25.33 34.62
C8 NAG F . 5.99 -24.02 35.01
N2 NAG F . 6.79 -25.51 33.31
O1 NAG F . 5.47 -27.07 31.35
O3 NAG F . 9.34 -26.56 34.11
O4 NAG F . 10.89 -27.78 31.99
O5 NAG F . 7.43 -28.17 30.82
O6 NAG F . 8.18 -30.20 29.67
O7 NAG F . 6.85 -26.20 35.44
H1 NAG F . 7.12 -26.22 30.77
H2 NAG F . 7.09 -27.49 33.31
H3 NAG F . 9.17 -25.88 32.26
H4 NAG F . 9.27 -28.69 32.66
H5 NAG F . 9.12 -27.39 30.15
H61 NAG F . 9.82 -29.95 30.74
H62 NAG F . 9.85 -29.24 29.31
H81 NAG F . 5.08 -23.95 34.67
H82 NAG F . 6.53 -23.29 34.64
H83 NAG F . 5.97 -23.95 35.98
HN2 NAG F . 6.58 -24.83 32.73
HO1 NAG F . 5.23 -27.92 31.32
HO3 NAG F . 10.08 -26.06 34.13
HO6 NAG F . 7.72 -29.76 29.05
C1 NAG F . 11.90 -27.66 33.02
C2 NAG F . 13.15 -27.99 32.23
C3 NAG F . 14.36 -27.84 33.13
C4 NAG F . 14.42 -26.42 33.66
C5 NAG F . 13.09 -25.98 34.28
C6 NAG F . 13.01 -24.49 34.50
C7 NAG F . 12.82 -29.56 30.37
C8 NAG F . 12.78 -30.99 29.95
N2 NAG F . 13.07 -29.33 31.67
O3 NAG F . 15.54 -28.14 32.38
O4 NAG F . 15.45 -26.32 34.65
O5 NAG F . 11.97 -26.31 33.45
O6 NAG F . 13.78 -24.08 35.62
O7 NAG F . 12.65 -28.64 29.58
H2 NAG F . 13.23 -27.37 31.49
H3 NAG F . 14.30 -28.47 33.88
H4 NAG F . 14.61 -25.81 32.91
H5 NAG F . 12.98 -26.47 35.13
H61 NAG F . 12.08 -24.23 34.64
H62 NAG F . 13.36 -24.03 33.70
H81 NAG F . 11.93 -31.18 29.51
H82 NAG F . 12.88 -31.56 30.73
H83 NAG F . 13.52 -31.17 29.32
HN2 NAG F . 13.21 -30.05 32.22
HO3 NAG F . 16.16 -28.46 32.92
HO6 NAG F . 13.93 -23.21 35.57
C1 BMA F . 16.87 -25.84 34.44
C2 BMA F . 17.56 -26.18 35.77
C3 BMA F . 19.05 -25.81 35.70
C4 BMA F . 19.72 -26.31 34.41
C5 BMA F . 18.89 -25.92 33.17
C6 BMA F . 19.44 -26.51 31.88
O2 BMA F . 17.51 -27.57 36.04
O3 BMA F . 19.77 -26.30 36.83
O4 BMA F . 21.02 -25.76 34.29
O5 BMA F . 17.55 -26.40 33.35
O6 BMA F . 18.38 -26.59 30.94
H2 BMA F . 17.08 -25.61 36.58
H3 BMA F . 19.15 -24.72 35.71
H4 BMA F . 19.74 -27.42 34.45
H5 BMA F . 18.86 -24.82 33.09
H61 BMA F . 19.86 -27.50 32.12
H62 BMA F . 20.25 -25.86 31.54
HO2 BMA F . 16.77 -27.92 35.51
HO4 BMA F . 20.88 -24.81 34.22
C1 MAN F . 19.75 -25.63 38.05
C2 MAN F . 21.06 -25.86 38.84
C3 MAN F . 20.99 -27.14 39.69
C4 MAN F . 19.64 -27.29 40.41
C5 MAN F . 18.52 -27.19 39.36
C6 MAN F . 17.13 -27.39 39.95
O2 MAN F . 21.30 -24.80 39.78
O3 MAN F . 22.05 -27.21 40.64
O4 MAN F . 19.55 -28.53 41.08
O5 MAN F . 18.58 -25.87 38.79
O6 MAN F . 16.83 -26.29 40.79
H2 MAN F . 21.88 -25.96 38.12
H3 MAN F . 21.10 -28.01 39.02
H4 MAN F . 19.53 -26.45 41.12
H5 MAN F . 18.66 -27.96 38.60
H61 MAN F . 17.12 -28.34 40.50
H62 MAN F . 16.41 -27.47 39.12
HO3 MAN F . 21.90 -28.03 41.13
C1 MAN F . 21.49 -23.53 38.83
C2 MAN F . 22.39 -22.58 39.65
C3 MAN F . 21.56 -21.70 40.58
C4 MAN F . 20.36 -21.07 39.83
C5 MAN F . 19.55 -22.17 39.15
C6 MAN F . 18.36 -21.66 38.36
O2 MAN F . 23.10 -21.68 38.80
O3 MAN F . 22.34 -20.68 41.19
O4 MAN F . 19.54 -20.37 40.74
O5 MAN F . 20.41 -22.87 38.23
O6 MAN F . 17.70 -22.77 37.77
H2 MAN F . 23.09 -23.19 40.23
H3 MAN F . 21.15 -22.33 41.38
H4 MAN F . 20.75 -20.39 39.05
H5 MAN F . 19.16 -22.86 39.93
H61 MAN F . 18.73 -20.95 37.59
H62 MAN F . 17.69 -21.11 39.05
HO2 MAN F . 23.48 -20.98 39.33
HO3 MAN F . 21.74 -20.24 41.82
HO4 MAN F . 18.89 -19.89 40.20
HO6 MAN F . 18.37 -23.32 37.34
C1 MAN F . 18.78 -27.38 29.77
C2 MAN F . 18.07 -26.57 28.66
C3 MAN F . 16.64 -27.07 28.49
C4 MAN F . 16.60 -28.59 28.31
C5 MAN F . 17.28 -29.26 29.51
C6 MAN F . 17.34 -30.75 29.36
O2 MAN F . 18.70 -26.77 27.39
O3 MAN F . 16.00 -26.45 27.38
O4 MAN F . 15.26 -29.04 28.22
O5 MAN F . 18.63 -28.78 29.61
O6 MAN F . 18.45 -31.07 28.52
H1 MAN F . 19.86 -27.21 29.72
H2 MAN F . 18.08 -25.52 28.94
H3 MAN F . 16.06 -26.81 29.38
H4 MAN F . 17.17 -28.84 27.41
H5 MAN F . 16.73 -29.01 30.43
H61 MAN F . 16.39 -31.11 28.92
H62 MAN F . 17.45 -31.21 30.36
HO2 MAN F . 18.04 -27.04 26.74
HO4 MAN F . 15.25 -29.64 27.46
C1 MAN F . 15.19 -25.45 27.16
C2 MAN F . 14.38 -25.45 25.86
C3 MAN F . 15.32 -25.30 24.67
C4 MAN F . 16.18 -24.05 24.86
C5 MAN F . 16.96 -24.15 26.17
C6 MAN F . 17.77 -22.90 26.47
O2 MAN F . 13.49 -24.34 25.80
O3 MAN F . 14.62 -25.24 23.45
O4 MAN F . 17.08 -23.93 23.77
O5 MAN F . 16.03 -24.33 27.26
O6 MAN F . 16.91 -21.78 26.34
H1 MAN F . 14.51 -25.36 28.03
H2 MAN F . 13.81 -26.40 25.78
H3 MAN F . 15.96 -26.18 24.62
H4 MAN F . 15.52 -23.17 24.92
H5 MAN F . 17.64 -25.00 26.11
H61 MAN F . 18.61 -22.85 25.76
H62 MAN F . 18.18 -22.98 27.48
HO2 MAN F . 12.91 -24.44 25.03
HO3 MAN F . 15.20 -24.76 22.84
HO4 MAN F . 16.59 -23.45 23.08
HO6 MAN F . 17.44 -20.98 26.46
C1 MAN F . 19.74 -31.44 28.71
C2 MAN F . 20.16 -32.09 27.38
C3 MAN F . 19.39 -33.39 27.18
C4 MAN F . 19.55 -34.31 28.41
C5 MAN F . 19.05 -33.56 29.66
C6 MAN F . 19.23 -34.35 30.93
O2 MAN F . 21.54 -32.47 27.40
O3 MAN F . 19.78 -34.07 25.99
O4 MAN F . 18.80 -35.49 28.22
O5 MAN F . 19.80 -32.33 29.80
O6 MAN F . 20.60 -34.32 31.29
H1 MAN F . 20.45 -30.64 28.98
H2 MAN F . 19.96 -31.40 26.56
H3 MAN F . 18.32 -33.15 27.06
H4 MAN F . 20.61 -34.53 28.54
H5 MAN F . 17.98 -33.34 29.52
H61 MAN F . 18.87 -35.38 30.76
H62 MAN F . 18.59 -33.89 31.71
HO2 MAN F . 21.65 -33.29 26.91
HO3 MAN F . 19.61 -33.44 25.27
HO4 MAN F . 19.11 -35.87 27.38
HO6 MAN F . 20.65 -34.43 32.25
NI NI G . -17.72 12.53 -17.60
NI NI H . 13.29 -19.78 32.77
NI NI I . -28.15 16.80 -28.69
NI NI J . 25.00 -29.44 34.15
S SO4 K . 41.92 -32.99 17.49
O1 SO4 K . 42.43 -34.17 16.80
O2 SO4 K . 42.76 -31.83 17.19
O3 SO4 K . 40.55 -32.73 17.03
O4 SO4 K . 41.90 -33.24 18.93
S SO4 L . 26.02 -50.17 15.34
O1 SO4 L . 25.87 -49.68 13.96
O2 SO4 L . 25.98 -49.03 16.25
O3 SO4 L . 27.29 -50.87 15.48
O4 SO4 L . 24.91 -51.09 15.65
#